data_5BQU
#
_entry.id   5BQU
#
_cell.length_a   106.988
_cell.length_b   118.667
_cell.length_c   161.790
_cell.angle_alpha   90.00
_cell.angle_beta   90.00
_cell.angle_gamma   90.00
#
_symmetry.space_group_name_H-M   'C 2 2 21'
#
loop_
_entity.id
_entity.type
_entity.pdbx_description
1 polymer HA-33
2 polymer HA-17
3 branched beta-D-galactopyranose-(1-4)-beta-D-fructofuranose
4 water water
#
loop_
_entity_poly.entity_id
_entity_poly.type
_entity_poly.pdbx_seq_one_letter_code
_entity_poly.pdbx_strand_id
1 'polypeptide(L)'
;EHYSVIQNSLNDKIVTISCKADTNLFFYQVAGNVSLFQQTRNYLERWRLIYDSNKAAYKIKSMDIHNTNLVLTWNAPTHN
ISTQQDSNADNQYWLLLKDIGNNSFIIASYKNPNLVLYADTVARNLKLSTLNNSNYIKFIIEDYIISDLNNFTCKISPIL
DLNKVVQQVDVTNLNVNLYTWDYGRNQKWTIRYNEEKAAYQFFNTILSNGVLTWIFSNGNTVRVSSSNDQNNDAQYWLIN
PVSDTDETYTITNLRDTTKALDLYGGQTANGTAIQVFNYHGDDNQKWNIRNPPGSA
;
B,A
2 'polypeptide(L)'
;GPSVERTFLPNGNYNIKSIFSGSLYLNPVSKSLTFSNESSANNQKWNVEYMAENRCFKISNVAEPNKYLSYDNFGFISLD
SLSNRCYWFPIKIAVNTYIMLSLNKVNELDYAWDIYDTNENILSQPLLLLPNFDIYNSNQMFKLEKI
;
C
#
# COMPACT_ATOMS: atom_id res chain seq x y z
N SER A 9 7.57 7.77 0.57
CA SER A 9 7.01 8.04 1.93
C SER A 9 7.55 7.06 2.97
N LEU A 10 8.01 5.90 2.50
CA LEU A 10 8.65 4.90 3.35
C LEU A 10 10.14 4.78 3.08
N ASN A 11 10.64 5.39 2.01
CA ASN A 11 12.06 5.33 1.73
C ASN A 11 12.83 5.83 2.94
N ASP A 12 13.81 5.05 3.36
CA ASP A 12 14.74 5.49 4.39
C ASP A 12 14.13 5.47 5.80
N LYS A 13 12.93 4.93 5.95
CA LYS A 13 12.37 4.72 7.27
C LYS A 13 12.98 3.45 7.87
N ILE A 14 13.16 3.50 9.19
CA ILE A 14 13.67 2.39 9.97
C ILE A 14 12.48 1.79 10.68
N VAL A 15 12.25 0.52 10.43
CA VAL A 15 11.03 -0.10 10.85
C VAL A 15 11.31 -1.45 11.46
N THR A 16 10.34 -1.92 12.26
CA THR A 16 10.20 -3.32 12.65
C THR A 16 9.17 -3.97 11.74
N ILE A 17 9.36 -5.25 11.51
CA ILE A 17 8.42 -6.06 10.77
C ILE A 17 8.00 -7.24 11.64
N SER A 18 6.70 -7.34 11.89
CA SER A 18 6.16 -8.41 12.72
C SER A 18 5.07 -9.14 11.99
N CYS A 19 4.69 -10.31 12.52
CA CYS A 19 3.80 -11.23 11.82
C CYS A 19 2.36 -11.02 12.24
N LYS A 20 1.49 -10.87 11.25
CA LYS A 20 0.06 -10.81 11.51
C LYS A 20 -0.40 -12.15 12.06
N ALA A 21 0.25 -13.22 11.61
CA ALA A 21 -0.07 -14.55 12.06
C ALA A 21 0.37 -14.76 13.51
N ASP A 22 1.35 -13.99 13.97
CA ASP A 22 1.75 -13.94 15.38
C ASP A 22 2.44 -12.62 15.67
N THR A 23 1.72 -11.71 16.33
CA THR A 23 2.15 -10.33 16.48
C THR A 23 3.23 -10.15 17.55
N ASN A 24 3.61 -11.25 18.22
CA ASN A 24 4.78 -11.24 19.11
C ASN A 24 6.09 -11.65 18.42
N LEU A 25 6.06 -11.95 17.14
CA LEU A 25 7.26 -12.38 16.44
C LEU A 25 7.68 -11.37 15.37
N PHE A 26 8.97 -11.03 15.42
CA PHE A 26 9.57 -9.97 14.66
C PHE A 26 10.70 -10.54 13.83
N PHE A 27 10.96 -9.94 12.67
CA PHE A 27 12.09 -10.29 11.84
C PHE A 27 13.36 -9.95 12.62
N TYR A 28 14.20 -10.96 12.81
CA TYR A 28 15.39 -10.87 13.64
C TYR A 28 16.56 -11.28 12.80
N GLN A 29 17.68 -10.60 12.93
CA GLN A 29 18.87 -11.02 12.19
C GLN A 29 20.13 -10.89 12.98
N VAL A 30 20.91 -11.96 12.91
CA VAL A 30 22.24 -12.03 13.44
C VAL A 30 23.12 -12.77 12.43
N ALA A 31 24.24 -12.16 12.07
CA ALA A 31 25.33 -12.83 11.34
C ALA A 31 24.80 -13.62 10.13
N GLY A 32 23.98 -12.94 9.31
CA GLY A 32 23.46 -13.53 8.06
C GLY A 32 22.25 -14.43 8.18
N ASN A 33 21.80 -14.70 9.40
CA ASN A 33 20.63 -15.53 9.62
C ASN A 33 19.42 -14.72 10.04
N VAL A 34 18.31 -14.99 9.37
CA VAL A 34 17.09 -14.27 9.59
C VAL A 34 16.14 -15.24 10.24
N SER A 35 15.47 -14.78 11.29
CA SER A 35 14.56 -15.63 12.04
C SER A 35 13.40 -14.81 12.58
N LEU A 36 12.42 -15.50 13.15
CA LEU A 36 11.30 -14.85 13.77
C LEU A 36 11.50 -14.98 15.26
N PHE A 37 11.47 -13.87 15.98
CA PHE A 37 11.86 -13.82 17.37
C PHE A 37 11.04 -12.78 18.15
N GLN A 38 10.91 -12.99 19.46
CA GLN A 38 10.16 -12.10 20.33
C GLN A 38 10.71 -10.68 20.28
N GLN A 39 9.91 -9.71 20.72
CA GLN A 39 10.32 -8.32 20.72
C GLN A 39 11.59 -8.06 21.54
N THR A 40 12.57 -7.40 20.91
CA THR A 40 13.84 -7.07 21.55
C THR A 40 14.02 -5.58 21.82
N ARG A 41 13.18 -4.75 21.22
CA ARG A 41 13.39 -3.30 21.21
C ARG A 41 14.83 -2.90 20.92
N ASN A 42 15.45 -3.54 19.94
CA ASN A 42 16.82 -3.16 19.56
C ASN A 42 17.15 -3.38 18.09
N TYR A 43 18.36 -2.98 17.71
CA TYR A 43 18.81 -2.97 16.32
C TYR A 43 18.65 -4.32 15.62
N LEU A 44 18.71 -5.42 16.35
CA LEU A 44 18.55 -6.75 15.76
C LEU A 44 17.20 -6.97 15.07
N GLU A 45 16.20 -6.15 15.40
CA GLU A 45 14.86 -6.26 14.77
C GLU A 45 14.50 -4.98 14.03
N ARG A 46 15.51 -4.16 13.74
CA ARG A 46 15.31 -2.92 13.01
C ARG A 46 15.88 -3.02 11.60
N TRP A 47 15.12 -2.49 10.64
CA TRP A 47 15.44 -2.57 9.21
C TRP A 47 15.17 -1.24 8.54
N ARG A 48 16.07 -0.85 7.65
CA ARG A 48 15.90 0.35 6.85
C ARG A 48 15.34 -0.04 5.49
N LEU A 49 14.26 0.62 5.09
CA LEU A 49 13.65 0.38 3.78
C LEU A 49 14.27 1.34 2.79
N ILE A 50 14.82 0.81 1.71
CA ILE A 50 15.52 1.64 0.73
C ILE A 50 14.83 1.51 -0.62
N TYR A 51 14.22 2.60 -1.06
CA TYR A 51 13.43 2.60 -2.29
C TYR A 51 14.31 2.83 -3.50
N ASP A 52 14.21 1.91 -4.45
CA ASP A 52 14.63 2.13 -5.80
C ASP A 52 13.38 2.48 -6.61
N SER A 53 13.28 3.74 -7.01
CA SER A 53 12.10 4.26 -7.71
C SER A 53 11.95 3.79 -9.16
N ASN A 54 13.04 3.30 -9.73
CA ASN A 54 13.03 2.77 -11.08
C ASN A 54 12.47 1.33 -11.12
N LYS A 55 12.77 0.56 -10.09
CA LYS A 55 12.19 -0.78 -9.92
C LYS A 55 10.85 -0.76 -9.18
N ALA A 56 10.51 0.35 -8.55
CA ALA A 56 9.32 0.44 -7.70
C ALA A 56 9.34 -0.66 -6.64
N ALA A 57 10.50 -0.83 -6.03
CA ALA A 57 10.69 -1.84 -5.01
C ALA A 57 11.77 -1.40 -4.00
N TYR A 58 11.95 -2.22 -2.98
CA TYR A 58 12.69 -1.85 -1.77
C TYR A 58 13.73 -2.89 -1.37
N LYS A 59 14.90 -2.39 -0.99
CA LYS A 59 15.82 -3.18 -0.20
C LYS A 59 15.42 -3.05 1.26
N ILE A 60 15.57 -4.14 2.01
CA ILE A 60 15.33 -4.17 3.43
C ILE A 60 16.65 -4.48 4.12
N LYS A 61 17.26 -3.43 4.66
CA LYS A 61 18.61 -3.47 5.23
C LYS A 61 18.62 -3.54 6.75
N SER A 62 19.30 -4.55 7.28
CA SER A 62 19.45 -4.68 8.72
C SER A 62 20.26 -3.54 9.31
N MET A 63 19.82 -3.08 10.48
CA MET A 63 20.49 -2.02 11.22
C MET A 63 21.57 -2.55 12.16
N ASP A 64 21.97 -3.82 11.97
CA ASP A 64 23.13 -4.40 12.68
C ASP A 64 24.27 -3.38 12.75
N ILE A 65 24.79 -3.17 13.95
CA ILE A 65 25.88 -2.20 14.17
C ILE A 65 27.26 -2.76 13.80
N HIS A 66 27.38 -4.10 13.80
CA HIS A 66 28.64 -4.79 13.51
C HIS A 66 28.86 -4.97 12.01
N ASN A 67 27.91 -5.59 11.32
CA ASN A 67 27.93 -5.61 9.86
C ASN A 67 26.80 -4.74 9.30
N THR A 68 27.19 -3.61 8.71
CA THR A 68 26.24 -2.56 8.33
C THR A 68 25.64 -2.72 6.95
N ASN A 69 26.12 -3.69 6.17
CA ASN A 69 25.77 -3.77 4.76
C ASN A 69 24.92 -4.99 4.36
N LEU A 70 24.17 -5.54 5.31
CA LEU A 70 23.36 -6.74 5.06
C LEU A 70 21.88 -6.43 4.72
N VAL A 71 21.34 -7.11 3.71
CA VAL A 71 19.94 -6.92 3.29
C VAL A 71 19.18 -8.23 3.13
N LEU A 72 17.87 -8.17 3.27
CA LEU A 72 17.06 -9.37 3.16
C LEU A 72 17.16 -9.93 1.75
N THR A 73 17.53 -11.19 1.65
CA THR A 73 17.85 -11.81 0.39
C THR A 73 17.13 -13.15 0.26
N TRP A 74 16.46 -13.34 -0.88
CA TRP A 74 15.94 -14.65 -1.29
C TRP A 74 17.02 -15.45 -2.02
N ASN A 75 17.38 -16.59 -1.44
CA ASN A 75 18.40 -17.46 -1.99
C ASN A 75 17.81 -18.31 -3.10
N ALA A 76 17.24 -17.64 -4.09
CA ALA A 76 16.71 -18.27 -5.29
C ALA A 76 17.72 -19.27 -5.84
N PRO A 77 17.24 -20.45 -6.28
CA PRO A 77 15.86 -20.86 -6.41
C PRO A 77 15.27 -21.53 -5.17
N THR A 78 16.01 -21.55 -4.06
CA THR A 78 15.60 -22.28 -2.84
C THR A 78 14.43 -21.61 -2.13
N HIS A 79 13.93 -22.25 -1.07
CA HIS A 79 12.87 -21.70 -0.23
C HIS A 79 13.40 -20.77 0.86
N ASN A 80 14.70 -20.49 0.86
CA ASN A 80 15.32 -19.89 2.01
C ASN A 80 15.56 -18.41 1.86
N ILE A 81 15.33 -17.73 2.97
CA ILE A 81 15.48 -16.29 3.09
C ILE A 81 16.62 -16.06 4.07
N SER A 82 17.52 -15.16 3.72
CA SER A 82 18.64 -14.84 4.62
C SER A 82 18.99 -13.37 4.48
N THR A 83 20.09 -12.97 5.13
CA THR A 83 20.69 -11.67 4.89
C THR A 83 22.10 -11.85 4.29
N GLN A 84 22.34 -11.22 3.14
CA GLN A 84 23.64 -11.28 2.45
C GLN A 84 24.19 -9.87 2.28
N GLN A 85 25.43 -9.76 1.82
CA GLN A 85 25.98 -8.48 1.42
C GLN A 85 25.18 -7.87 0.26
N ASP A 86 24.77 -6.63 0.46
CA ASP A 86 24.09 -5.87 -0.59
C ASP A 86 24.96 -5.77 -1.83
N SER A 87 24.53 -6.39 -2.90
CA SER A 87 25.14 -6.24 -4.21
C SER A 87 24.09 -5.72 -5.17
N ASN A 88 23.03 -5.17 -4.60
CA ASN A 88 21.96 -4.53 -5.36
C ASN A 88 21.27 -5.45 -6.37
N ALA A 89 21.10 -6.71 -6.00
CA ALA A 89 20.62 -7.72 -6.93
C ALA A 89 19.10 -7.87 -6.83
N ASP A 90 18.55 -8.49 -7.87
CA ASP A 90 17.11 -8.64 -8.05
C ASP A 90 16.47 -9.43 -6.90
N ASN A 91 17.21 -10.43 -6.40
CA ASN A 91 16.78 -11.22 -5.27
C ASN A 91 16.96 -10.51 -3.92
N GLN A 92 17.27 -9.22 -3.97
CA GLN A 92 17.39 -8.38 -2.79
C GLN A 92 16.45 -7.17 -2.87
N TYR A 93 15.47 -7.23 -3.76
CA TYR A 93 14.45 -6.21 -3.85
C TYR A 93 13.08 -6.83 -3.60
N TRP A 94 12.23 -6.03 -2.94
CA TRP A 94 10.91 -6.44 -2.51
C TRP A 94 9.82 -5.40 -2.86
N LEU A 95 8.70 -5.91 -3.35
CA LEU A 95 7.52 -5.09 -3.53
C LEU A 95 6.80 -5.05 -2.21
N LEU A 96 6.53 -3.85 -1.70
CA LEU A 96 5.76 -3.70 -0.45
C LEU A 96 4.31 -3.36 -0.79
N LEU A 97 3.46 -4.38 -0.72
CA LEU A 97 2.06 -4.27 -1.04
C LEU A 97 1.23 -4.12 0.22
N LYS A 98 0.68 -2.92 0.45
CA LYS A 98 -0.22 -2.70 1.55
C LYS A 98 -1.64 -3.15 1.24
N ASP A 99 -2.09 -4.15 1.99
CA ASP A 99 -3.47 -4.62 1.88
C ASP A 99 -4.41 -3.67 2.62
N ILE A 100 -5.11 -2.83 1.88
CA ILE A 100 -5.94 -1.76 2.46
C ILE A 100 -7.08 -2.22 3.39
N GLY A 101 -7.59 -3.42 3.18
CA GLY A 101 -8.46 -4.01 4.21
C GLY A 101 -7.82 -4.05 5.61
N ASN A 102 -6.63 -4.64 5.69
CA ASN A 102 -6.07 -5.15 6.95
C ASN A 102 -5.05 -4.29 7.68
N ASN A 103 -4.57 -3.24 7.03
CA ASN A 103 -3.34 -2.56 7.45
C ASN A 103 -2.19 -3.50 7.73
N SER A 104 -2.04 -4.44 6.81
CA SER A 104 -0.93 -5.35 6.76
C SER A 104 -0.28 -5.23 5.39
N PHE A 105 0.89 -5.85 5.27
CA PHE A 105 1.68 -5.80 4.06
C PHE A 105 1.92 -7.21 3.55
N ILE A 106 1.87 -7.36 2.24
CA ILE A 106 2.43 -8.52 1.58
C ILE A 106 3.76 -8.08 0.99
N ILE A 107 4.76 -8.95 1.13
CA ILE A 107 6.14 -8.63 0.75
C ILE A 107 6.55 -9.61 -0.32
N ALA A 108 6.53 -9.15 -1.57
CA ALA A 108 6.77 -9.99 -2.72
C ALA A 108 8.17 -9.78 -3.29
N SER A 109 8.82 -10.85 -3.74
CA SER A 109 10.14 -10.74 -4.35
C SER A 109 10.08 -10.03 -5.68
N TYR A 110 11.00 -9.11 -5.88
CA TYR A 110 11.16 -8.45 -7.16
C TYR A 110 11.63 -9.41 -8.25
N LYS A 111 12.42 -10.41 -7.87
CA LYS A 111 12.93 -11.42 -8.81
C LYS A 111 11.81 -12.29 -9.35
N ASN A 112 10.84 -12.60 -8.49
CA ASN A 112 9.66 -13.33 -8.88
C ASN A 112 8.49 -12.83 -8.03
N PRO A 113 7.65 -11.92 -8.59
CA PRO A 113 6.54 -11.35 -7.84
C PRO A 113 5.39 -12.31 -7.57
N ASN A 114 5.44 -13.51 -8.13
CA ASN A 114 4.47 -14.52 -7.77
C ASN A 114 4.80 -15.07 -6.39
N LEU A 115 6.03 -14.82 -5.90
CA LEU A 115 6.45 -15.36 -4.61
C LEU A 115 6.55 -14.29 -3.57
N VAL A 116 6.01 -14.59 -2.39
CA VAL A 116 5.96 -13.63 -1.30
C VAL A 116 6.42 -14.26 0.01
N LEU A 117 6.86 -13.43 0.94
CA LEU A 117 7.36 -13.93 2.20
C LEU A 117 6.25 -14.61 2.98
N TYR A 118 6.62 -15.72 3.64
CA TYR A 118 5.72 -16.58 4.39
C TYR A 118 6.39 -16.84 5.71
N ALA A 119 5.68 -16.53 6.80
CA ALA A 119 6.19 -16.72 8.13
C ALA A 119 5.89 -18.14 8.60
N ASP A 120 6.95 -18.94 8.76
CA ASP A 120 6.83 -20.26 9.37
C ASP A 120 6.99 -20.06 10.88
N THR A 121 5.88 -19.95 11.58
CA THR A 121 5.92 -19.59 12.99
C THR A 121 6.41 -20.74 13.85
N VAL A 122 6.18 -21.97 13.40
CA VAL A 122 6.68 -23.16 14.10
C VAL A 122 8.22 -23.27 14.08
N ALA A 123 8.80 -23.11 12.89
CA ALA A 123 10.25 -23.14 12.67
C ALA A 123 10.92 -21.79 12.94
N ARG A 124 10.10 -20.76 13.12
CA ARG A 124 10.57 -19.42 13.45
C ARG A 124 11.54 -18.89 12.42
N ASN A 125 11.21 -19.09 11.16
CA ASN A 125 11.96 -18.48 10.08
C ASN A 125 11.04 -18.12 8.90
N LEU A 126 11.63 -17.60 7.84
CA LEU A 126 10.89 -17.16 6.68
C LEU A 126 11.04 -18.14 5.53
N LYS A 127 9.94 -18.34 4.80
CA LYS A 127 10.03 -19.05 3.54
C LYS A 127 9.20 -18.33 2.52
N LEU A 128 8.81 -19.02 1.48
CA LEU A 128 8.13 -18.35 0.39
C LEU A 128 6.85 -19.06 0.04
N SER A 129 5.86 -18.29 -0.39
CA SER A 129 4.64 -18.83 -0.93
C SER A 129 4.12 -18.04 -2.11
N THR A 130 3.36 -18.70 -2.97
CA THR A 130 2.49 -17.99 -3.87
C THR A 130 1.39 -17.31 -3.03
N LEU A 131 0.73 -16.32 -3.62
CA LEU A 131 -0.29 -15.53 -2.92
C LEU A 131 -1.48 -16.37 -2.58
N ASN A 132 -1.98 -16.15 -1.36
CA ASN A 132 -3.14 -16.82 -0.81
C ASN A 132 -3.82 -15.88 0.20
N ASN A 133 -4.85 -16.34 0.89
CA ASN A 133 -5.54 -15.53 1.89
C ASN A 133 -5.11 -15.70 3.34
N SER A 134 -4.02 -16.40 3.58
CA SER A 134 -3.63 -16.69 4.96
C SER A 134 -2.90 -15.54 5.61
N ASN A 135 -2.99 -15.44 6.92
CA ASN A 135 -2.22 -14.46 7.67
C ASN A 135 -0.74 -14.69 7.68
N TYR A 136 -0.29 -15.89 7.29
CA TYR A 136 1.12 -16.19 7.28
C TYR A 136 1.90 -15.43 6.23
N ILE A 137 1.20 -14.82 5.27
CA ILE A 137 1.86 -13.90 4.31
C ILE A 137 1.64 -12.44 4.61
N LYS A 138 1.07 -12.13 5.77
CA LYS A 138 0.80 -10.75 6.10
C LYS A 138 1.74 -10.25 7.21
N PHE A 139 2.15 -9.00 7.10
CA PHE A 139 3.16 -8.45 7.96
C PHE A 139 2.78 -7.03 8.31
N ILE A 140 3.17 -6.66 9.53
CA ILE A 140 2.94 -5.36 10.12
C ILE A 140 4.25 -4.64 10.10
N ILE A 141 4.28 -3.55 9.35
CA ILE A 141 5.46 -2.70 9.23
C ILE A 141 5.17 -1.39 9.94
N GLU A 142 6.04 -1.04 10.88
CA GLU A 142 5.82 0.09 11.77
C GLU A 142 7.14 0.79 12.00
N ASP A 143 7.09 2.11 12.07
CA ASP A 143 8.23 2.91 12.49
C ASP A 143 8.73 2.31 13.82
N TYR A 144 10.04 2.09 13.92
CA TYR A 144 10.61 1.39 15.05
C TYR A 144 10.32 2.02 16.41
N ILE A 145 10.21 3.33 16.46
CA ILE A 145 9.93 4.06 17.69
C ILE A 145 8.54 3.71 18.19
N ILE A 146 7.59 3.73 17.26
CA ILE A 146 6.21 3.37 17.56
C ILE A 146 6.14 1.92 18.04
N SER A 147 6.87 1.04 17.36
CA SER A 147 6.90 -0.37 17.68
C SER A 147 7.39 -0.62 19.11
N ASP A 148 8.44 0.10 19.51
CA ASP A 148 9.04 -0.09 20.82
C ASP A 148 8.20 0.53 21.92
N LEU A 149 7.61 1.70 21.65
CA LEU A 149 6.92 2.45 22.70
C LEU A 149 5.47 2.04 22.92
N ASN A 150 4.83 1.53 21.88
CA ASN A 150 3.41 1.20 21.95
C ASN A 150 3.14 0.04 22.90
N ASN A 151 2.25 0.27 23.87
CA ASN A 151 1.92 -0.71 24.91
C ASN A 151 3.14 -1.11 25.75
N PHE A 152 4.11 -0.20 25.85
CA PHE A 152 5.28 -0.37 26.69
C PHE A 152 4.99 0.30 28.03
N THR A 153 5.21 -0.43 29.11
CA THR A 153 5.12 0.14 30.45
C THR A 153 6.51 0.60 30.87
N CYS A 154 6.64 1.86 31.23
CA CYS A 154 7.93 2.48 31.43
C CYS A 154 8.00 3.37 32.67
N LYS A 155 9.21 3.61 33.15
CA LYS A 155 9.46 4.74 34.02
C LYS A 155 10.09 5.87 33.18
N ILE A 156 9.80 7.11 33.55
CA ILE A 156 10.27 8.27 32.80
C ILE A 156 11.20 9.12 33.67
N SER A 157 12.50 9.04 33.38
CA SER A 157 13.53 9.73 34.17
C SER A 157 14.19 10.85 33.38
N PRO A 158 14.39 12.02 34.03
CA PRO A 158 15.12 13.12 33.37
C PRO A 158 16.61 12.81 33.22
N ILE A 159 17.22 13.37 32.19
CA ILE A 159 18.65 13.17 31.95
C ILE A 159 19.50 13.71 33.10
N LEU A 160 18.95 14.68 33.82
CA LEU A 160 19.65 15.29 34.94
C LEU A 160 19.83 14.31 36.09
N ASP A 161 18.73 13.65 36.46
CA ASP A 161 18.75 12.68 37.55
C ASP A 161 18.08 11.37 37.14
N LEU A 162 18.88 10.33 36.94
CA LEU A 162 18.35 9.02 36.55
C LEU A 162 17.55 8.33 37.67
N ASN A 163 18.12 8.30 38.88
CA ASN A 163 17.48 7.65 40.03
C ASN A 163 16.12 8.24 40.44
N LYS A 164 15.72 9.37 39.86
CA LYS A 164 14.38 9.97 40.07
C LYS A 164 13.51 9.82 38.83
N VAL A 165 12.20 10.06 38.99
CA VAL A 165 11.21 9.69 37.97
C VAL A 165 9.93 10.53 38.07
N VAL A 166 9.18 10.62 36.97
CA VAL A 166 7.89 11.30 36.95
C VAL A 166 6.78 10.42 37.51
N GLN A 167 5.90 10.98 38.34
CA GLN A 167 4.79 10.22 38.94
C GLN A 167 3.50 11.01 39.22
N GLN A 168 2.39 10.27 39.26
CA GLN A 168 1.14 10.72 39.86
C GLN A 168 1.29 10.55 41.36
N VAL A 169 0.93 11.57 42.15
CA VAL A 169 1.18 11.55 43.61
C VAL A 169 0.53 10.36 44.33
N ASP A 170 -0.72 10.08 43.99
CA ASP A 170 -1.51 9.09 44.70
C ASP A 170 -2.75 8.75 43.88
N VAL A 171 -3.37 7.62 44.16
CA VAL A 171 -4.62 7.25 43.47
C VAL A 171 -5.73 8.30 43.69
N THR A 172 -5.75 8.93 44.88
CA THR A 172 -6.70 9.99 45.17
C THR A 172 -6.28 11.31 44.53
N ASN A 173 -4.98 11.52 44.38
CA ASN A 173 -4.42 12.79 43.95
C ASN A 173 -3.85 12.74 42.55
N LEU A 174 -4.53 13.37 41.60
CA LEU A 174 -4.16 13.39 40.18
C LEU A 174 -3.01 14.31 39.77
N ASN A 175 -2.39 15.02 40.70
CA ASN A 175 -1.24 15.90 40.39
C ASN A 175 -0.01 15.08 39.97
N VAL A 176 0.97 15.75 39.37
CA VAL A 176 2.16 15.06 38.82
C VAL A 176 3.46 15.77 39.19
N ASN A 177 4.37 15.04 39.84
CA ASN A 177 5.64 15.63 40.28
C ASN A 177 6.84 14.69 40.05
N LEU A 178 8.00 15.14 40.53
CA LEU A 178 9.23 14.35 40.46
C LEU A 178 9.48 13.71 41.83
N TYR A 179 9.81 12.43 41.85
CA TYR A 179 10.04 11.68 43.10
C TYR A 179 11.05 10.57 42.84
N THR A 180 11.80 10.17 43.87
CA THR A 180 12.79 9.09 43.75
C THR A 180 12.11 7.78 43.32
N TRP A 181 12.88 6.88 42.71
CA TRP A 181 12.36 5.61 42.18
C TRP A 181 12.10 4.60 43.30
N ASP A 182 10.82 4.26 43.52
CA ASP A 182 10.44 3.30 44.55
C ASP A 182 9.59 2.12 44.01
N TYR A 183 9.53 1.96 42.70
CA TYR A 183 8.75 0.91 42.01
C TYR A 183 7.24 0.98 42.24
N GLY A 184 6.72 2.08 42.75
CA GLY A 184 5.28 2.21 42.94
C GLY A 184 4.56 2.28 41.61
N ARG A 185 3.32 1.79 41.56
CA ARG A 185 2.51 1.83 40.32
C ARG A 185 2.18 3.24 39.90
N ASN A 186 2.20 4.16 40.84
CA ASN A 186 2.08 5.58 40.54
C ASN A 186 3.32 6.17 39.86
N GLN A 187 4.42 5.42 39.85
CA GLN A 187 5.65 5.82 39.15
C GLN A 187 5.83 5.15 37.78
N LYS A 188 4.79 4.49 37.27
CA LYS A 188 4.91 3.74 36.02
C LYS A 188 3.82 4.12 35.03
N TRP A 189 4.18 4.12 33.74
CA TRP A 189 3.35 4.65 32.67
C TRP A 189 3.24 3.71 31.48
N THR A 190 2.03 3.30 31.11
CA THR A 190 1.82 2.52 29.90
C THR A 190 1.55 3.48 28.72
N ILE A 191 2.46 3.47 27.75
CA ILE A 191 2.37 4.31 26.56
C ILE A 191 1.51 3.62 25.51
N ARG A 192 0.43 4.27 25.10
CA ARG A 192 -0.39 3.75 23.99
C ARG A 192 -0.41 4.76 22.86
N TYR A 193 -0.25 4.26 21.63
CA TYR A 193 -0.21 5.10 20.45
C TYR A 193 -1.58 5.06 19.77
N ASN A 194 -2.01 6.21 19.26
CA ASN A 194 -3.26 6.34 18.49
C ASN A 194 -2.96 6.67 17.03
N GLU A 195 -3.27 5.74 16.13
CA GLU A 195 -2.94 5.92 14.72
C GLU A 195 -3.65 7.14 14.12
N GLU A 196 -4.91 7.34 14.48
CA GLU A 196 -5.69 8.46 13.96
C GLU A 196 -5.10 9.82 14.36
N LYS A 197 -4.67 9.94 15.61
CA LYS A 197 -4.12 11.19 16.13
C LYS A 197 -2.63 11.30 15.89
N ALA A 198 -2.04 10.23 15.37
CA ALA A 198 -0.58 10.16 15.16
C ALA A 198 0.21 10.66 16.36
N ALA A 199 -0.15 10.17 17.53
CA ALA A 199 0.41 10.69 18.77
C ALA A 199 0.22 9.73 19.92
N TYR A 200 0.79 10.07 21.07
CA TYR A 200 0.88 9.14 22.18
C TYR A 200 0.09 9.60 23.42
N GLN A 201 -0.37 8.63 24.20
CA GLN A 201 -0.88 8.85 25.56
C GLN A 201 -0.07 8.05 26.59
N PHE A 202 0.01 8.59 27.80
CA PHE A 202 0.64 7.92 28.91
C PHE A 202 -0.41 7.56 29.96
N PHE A 203 -0.74 6.27 30.06
CA PHE A 203 -1.66 5.79 31.09
C PHE A 203 -0.85 5.56 32.37
N ASN A 204 -1.33 6.03 33.50
CA ASN A 204 -0.70 5.71 34.77
C ASN A 204 -1.23 4.38 35.30
N THR A 205 -0.33 3.48 35.69
CA THR A 205 -0.73 2.13 36.03
C THR A 205 -1.47 2.00 37.37
N ILE A 206 -1.55 3.09 38.13
CA ILE A 206 -2.39 3.11 39.34
C ILE A 206 -3.89 3.17 38.97
N LEU A 207 -4.22 3.77 37.82
CA LEU A 207 -5.62 3.87 37.37
C LEU A 207 -5.88 2.99 36.16
N SER A 208 -7.16 2.71 35.91
CA SER A 208 -7.59 1.99 34.71
C SER A 208 -7.51 2.91 33.50
N ASN A 209 -8.14 4.08 33.63
CA ASN A 209 -8.39 4.99 32.50
C ASN A 209 -7.85 6.41 32.74
N GLY A 210 -6.86 6.55 33.62
CA GLY A 210 -6.23 7.85 33.88
C GLY A 210 -5.03 8.05 32.97
N VAL A 211 -4.94 9.21 32.32
CA VAL A 211 -3.82 9.55 31.40
C VAL A 211 -3.18 10.91 31.69
N LEU A 212 -1.93 11.05 31.29
CA LEU A 212 -1.18 12.30 31.50
C LEU A 212 -1.72 13.40 30.59
N THR A 213 -1.87 14.61 31.14
CA THR A 213 -2.35 15.76 30.38
C THR A 213 -1.53 17.03 30.63
N SER A 217 -5.60 24.55 30.76
CA SER A 217 -6.72 25.25 31.39
C SER A 217 -6.29 26.01 32.66
N ASN A 218 -5.21 25.54 33.29
CA ASN A 218 -4.56 26.27 34.37
C ASN A 218 -3.12 26.63 33.93
N GLY A 219 -3.00 27.12 32.69
CA GLY A 219 -1.72 27.54 32.14
C GLY A 219 -0.74 26.41 31.88
N ASN A 220 0.39 26.45 32.58
CA ASN A 220 1.52 25.53 32.36
C ASN A 220 1.41 24.14 33.01
N THR A 221 0.73 24.06 34.14
CA THR A 221 0.82 22.87 35.00
C THR A 221 0.34 21.60 34.28
N VAL A 222 0.90 20.46 34.70
CA VAL A 222 0.64 19.15 34.12
C VAL A 222 0.01 18.22 35.16
N ARG A 223 -1.13 17.63 34.81
CA ARG A 223 -1.91 16.79 35.71
C ARG A 223 -2.45 15.57 34.95
N VAL A 224 -3.25 14.75 35.63
CA VAL A 224 -3.83 13.54 35.07
C VAL A 224 -5.36 13.67 35.10
N SER A 225 -6.05 13.05 34.13
CA SER A 225 -7.52 12.96 34.15
C SER A 225 -8.07 11.80 33.30
N SER A 226 -9.38 11.59 33.37
CA SER A 226 -10.04 10.45 32.72
C SER A 226 -9.63 10.22 31.26
N ASN A 231 -12.35 15.22 23.49
CA ASN A 231 -11.23 15.54 22.60
C ASN A 231 -9.93 15.71 23.37
N ASN A 232 -9.77 16.86 24.03
CA ASN A 232 -8.56 17.15 24.80
C ASN A 232 -7.29 16.74 24.05
N ASP A 233 -6.95 17.50 23.02
CA ASP A 233 -5.76 17.22 22.23
C ASP A 233 -4.49 17.43 23.05
N ALA A 234 -4.60 18.23 24.11
CA ALA A 234 -3.45 18.52 24.98
C ALA A 234 -2.92 17.26 25.71
N GLN A 235 -3.79 16.27 25.93
CA GLN A 235 -3.40 15.05 26.63
C GLN A 235 -2.57 14.05 25.77
N TYR A 236 -2.54 14.25 24.46
CA TYR A 236 -1.70 13.45 23.56
C TYR A 236 -0.36 14.13 23.38
N TRP A 237 0.64 13.37 22.97
CA TRP A 237 2.03 13.86 22.92
C TRP A 237 2.81 13.23 21.77
N LEU A 238 3.93 13.86 21.43
CA LEU A 238 4.86 13.32 20.44
C LEU A 238 6.19 13.05 21.10
N ILE A 239 6.62 11.80 21.05
CA ILE A 239 7.95 11.43 21.49
C ILE A 239 8.83 11.35 20.25
N ASN A 240 9.93 12.11 20.27
CA ASN A 240 10.93 12.07 19.21
C ASN A 240 12.29 11.82 19.86
N PRO A 241 13.09 10.89 19.32
CA PRO A 241 14.40 10.58 19.91
C PRO A 241 15.43 11.68 19.68
N VAL A 242 16.55 11.61 20.39
CA VAL A 242 17.66 12.52 20.15
C VAL A 242 18.85 11.72 19.62
N SER A 243 19.57 12.29 18.66
CA SER A 243 20.60 11.57 17.90
C SER A 243 21.69 10.93 18.79
N ASP A 244 22.19 9.78 18.35
CA ASP A 244 23.30 9.05 19.00
C ASP A 244 23.05 8.68 20.47
N THR A 245 21.83 8.24 20.76
CA THR A 245 21.48 7.71 22.09
C THR A 245 20.58 6.50 21.91
N ASP A 246 20.49 5.67 22.94
CA ASP A 246 19.62 4.50 22.89
C ASP A 246 18.19 4.83 23.30
N GLU A 247 18.03 5.50 24.45
CA GLU A 247 16.71 5.60 25.09
C GLU A 247 16.27 7.01 25.54
N THR A 248 17.02 8.05 25.18
CA THR A 248 16.65 9.43 25.54
C THR A 248 15.77 10.07 24.45
N TYR A 249 14.75 10.82 24.87
CA TYR A 249 13.76 11.39 23.97
C TYR A 249 13.34 12.80 24.39
N THR A 250 12.70 13.54 23.48
CA THR A 250 11.95 14.74 23.83
C THR A 250 10.47 14.40 23.74
N ILE A 251 9.65 15.07 24.54
CA ILE A 251 8.22 14.83 24.56
C ILE A 251 7.50 16.17 24.39
N THR A 252 6.77 16.31 23.28
CA THR A 252 6.10 17.58 22.95
C THR A 252 4.58 17.40 22.84
N ASN A 253 3.84 18.45 23.20
CA ASN A 253 2.39 18.32 23.34
C ASN A 253 1.66 18.49 22.02
N LEU A 254 0.52 17.81 21.86
CA LEU A 254 -0.17 17.77 20.56
C LEU A 254 -0.95 19.04 20.25
N ARG A 255 -1.64 19.60 21.24
CA ARG A 255 -2.44 20.81 21.04
C ARG A 255 -1.52 22.02 20.79
N ASP A 256 -0.31 21.97 21.35
CA ASP A 256 0.70 22.99 21.11
C ASP A 256 2.05 22.28 20.99
N THR A 257 2.46 21.97 19.76
CA THR A 257 3.74 21.29 19.51
C THR A 257 4.95 22.14 19.92
N THR A 258 4.72 23.44 20.10
CA THR A 258 5.69 24.33 20.72
C THR A 258 6.10 23.88 22.14
N LYS A 259 5.18 23.23 22.85
CA LYS A 259 5.41 22.80 24.23
C LYS A 259 6.31 21.57 24.36
N ALA A 260 7.14 21.54 25.40
CA ALA A 260 7.99 20.41 25.74
C ALA A 260 7.88 20.08 27.23
N LEU A 261 8.02 18.80 27.58
CA LEU A 261 8.01 18.40 28.99
C LEU A 261 9.20 19.00 29.70
N ASP A 262 8.93 19.72 30.79
CA ASP A 262 9.93 20.51 31.47
C ASP A 262 10.08 20.11 32.93
N LEU A 263 11.32 20.10 33.39
CA LEU A 263 11.61 19.96 34.81
C LEU A 263 11.95 21.36 35.37
N TYR A 264 10.94 21.99 35.98
CA TYR A 264 11.00 23.40 36.44
C TYR A 264 12.39 23.88 36.87
N GLY A 265 13.08 23.07 37.66
CA GLY A 265 14.40 23.41 38.16
C GLY A 265 15.47 22.98 37.17
N GLY A 266 16.10 21.83 37.38
CA GLY A 266 15.87 20.97 38.54
C GLY A 266 16.78 21.34 39.70
N THR A 268 15.50 18.61 40.44
CA THR A 268 16.51 17.60 40.73
C THR A 268 16.28 16.98 42.10
N ALA A 269 15.93 17.81 43.07
CA ALA A 269 15.57 17.33 44.42
C ALA A 269 14.12 16.86 44.39
N ASN A 270 13.69 16.20 45.46
CA ASN A 270 12.33 15.63 45.54
C ASN A 270 11.20 16.66 45.46
N GLY A 271 10.09 16.26 44.83
CA GLY A 271 8.93 17.15 44.71
C GLY A 271 9.02 18.23 43.65
N THR A 272 10.21 18.39 43.04
CA THR A 272 10.42 19.35 41.95
C THR A 272 9.31 19.22 40.91
N ALA A 273 8.86 20.35 40.38
CA ALA A 273 7.72 20.37 39.48
C ALA A 273 8.09 19.84 38.09
N ILE A 274 7.11 19.25 37.42
CA ILE A 274 7.23 18.89 36.01
C ILE A 274 6.09 19.57 35.28
N GLN A 275 6.44 20.46 34.34
CA GLN A 275 5.46 21.34 33.71
C GLN A 275 5.61 21.40 32.17
N VAL A 276 4.72 22.18 31.56
CA VAL A 276 4.80 22.49 30.13
C VAL A 276 5.67 23.74 29.96
N PHE A 277 6.58 23.70 28.99
CA PHE A 277 7.44 24.83 28.68
C PHE A 277 8.01 24.76 27.25
N ASN A 278 7.97 25.88 26.54
CA ASN A 278 8.43 26.00 25.15
C ASN A 278 9.75 25.26 24.87
N TYR A 279 9.81 24.52 23.75
CA TYR A 279 10.94 23.65 23.41
C TYR A 279 12.31 24.35 23.41
N HIS A 280 13.29 23.74 24.08
CA HIS A 280 14.70 24.14 24.00
C HIS A 280 15.59 22.89 23.96
N GLY A 281 16.81 23.05 23.43
CA GLY A 281 17.76 21.94 23.34
C GLY A 281 18.38 21.49 24.66
N ASP A 282 18.02 22.17 25.75
CA ASP A 282 18.67 21.98 27.06
C ASP A 282 18.41 20.60 27.66
N ASP A 283 19.30 20.20 28.56
CA ASP A 283 19.28 18.85 29.16
C ASP A 283 18.16 18.59 30.17
N ASN A 284 17.48 19.66 30.60
CA ASN A 284 16.29 19.55 31.45
C ASN A 284 15.00 19.19 30.70
N GLN A 285 15.08 19.11 29.37
CA GLN A 285 13.94 18.73 28.52
C GLN A 285 14.20 17.41 27.76
N LYS A 286 15.22 16.65 28.19
CA LYS A 286 15.52 15.32 27.66
C LYS A 286 15.18 14.25 28.70
N TRP A 287 14.39 13.25 28.28
CA TRP A 287 13.86 12.23 29.19
C TRP A 287 14.24 10.82 28.76
N ASN A 288 14.82 10.05 29.68
CA ASN A 288 15.12 8.62 29.48
C ASN A 288 13.84 7.83 29.71
N ILE A 289 13.45 7.00 28.75
CA ILE A 289 12.28 6.12 28.89
C ILE A 289 12.79 4.69 28.89
N ARG A 290 12.62 3.99 30.01
CA ARG A 290 13.19 2.65 30.22
C ARG A 290 12.16 1.64 30.66
N ASN A 291 12.56 0.37 30.60
CA ASN A 291 11.83 -0.71 31.24
C ASN A 291 12.09 -0.61 32.75
N PRO A 292 11.06 -0.83 33.58
CA PRO A 292 11.32 -0.85 35.02
C PRO A 292 12.05 -2.14 35.40
N PRO A 293 13.20 -2.02 36.09
CA PRO A 293 13.98 -3.19 36.49
C PRO A 293 13.17 -4.32 37.15
N SER B 9 -10.78 2.99 5.31
CA SER B 9 -10.59 4.29 4.60
C SER B 9 -11.15 4.28 3.18
N LEU B 10 -11.25 3.10 2.55
CA LEU B 10 -11.72 3.00 1.17
C LEU B 10 -13.13 2.44 1.05
N ASN B 11 -13.70 1.96 2.15
CA ASN B 11 -15.03 1.38 2.10
C ASN B 11 -16.09 2.39 1.68
N ASP B 12 -16.96 1.97 0.77
CA ASP B 12 -18.07 2.77 0.34
C ASP B 12 -17.71 3.98 -0.56
N LYS B 13 -16.42 4.13 -0.86
CA LYS B 13 -15.95 5.19 -1.75
C LYS B 13 -16.29 4.87 -3.19
N ILE B 14 -16.66 5.91 -3.91
CA ILE B 14 -16.94 5.85 -5.33
C ILE B 14 -15.69 6.36 -6.02
N VAL B 15 -15.15 5.57 -6.93
CA VAL B 15 -13.82 5.82 -7.51
C VAL B 15 -13.81 5.62 -9.02
N THR B 16 -12.78 6.16 -9.68
CA THR B 16 -12.38 5.70 -11.00
C THR B 16 -11.18 4.80 -10.87
N ILE B 17 -11.13 3.83 -11.76
CA ILE B 17 -9.99 2.94 -11.86
C ILE B 17 -9.41 3.03 -13.26
N SER B 18 -8.16 3.46 -13.35
CA SER B 18 -7.47 3.55 -14.63
C SER B 18 -6.11 2.84 -14.64
N CYS B 19 -5.54 2.66 -15.82
CA CYS B 19 -4.38 1.80 -16.02
C CYS B 19 -3.04 2.50 -15.86
N LYS B 20 -2.15 1.95 -15.05
CA LYS B 20 -0.82 2.52 -14.93
C LYS B 20 -0.08 2.45 -16.28
N ALA B 21 -0.44 1.44 -17.09
CA ALA B 21 0.18 1.19 -18.35
C ALA B 21 -0.27 2.23 -19.37
N ASP B 22 -1.51 2.72 -19.19
CA ASP B 22 -2.09 3.79 -20.02
C ASP B 22 -3.12 4.59 -19.19
N THR B 23 -2.69 5.74 -18.69
CA THR B 23 -3.46 6.49 -17.72
C THR B 23 -4.67 7.19 -18.34
N ASN B 24 -4.82 7.04 -19.64
CA ASN B 24 -5.95 7.58 -20.37
C ASN B 24 -7.02 6.52 -20.56
N LEU B 25 -6.77 5.30 -20.11
CA LEU B 25 -7.78 4.25 -20.17
C LEU B 25 -8.35 3.90 -18.80
N PHE B 26 -9.67 3.86 -18.70
CA PHE B 26 -10.44 3.72 -17.45
C PHE B 26 -11.35 2.48 -17.51
N PHE B 27 -11.59 1.86 -16.36
CA PHE B 27 -12.56 0.74 -16.28
C PHE B 27 -13.94 1.29 -16.65
N TYR B 28 -14.55 0.68 -17.65
CA TYR B 28 -15.77 1.14 -18.27
C TYR B 28 -16.74 -0.03 -18.28
N GLN B 29 -17.99 0.25 -17.96
CA GLN B 29 -19.01 -0.80 -17.80
C GLN B 29 -20.29 -0.45 -18.53
N VAL B 30 -20.84 -1.41 -19.26
CA VAL B 30 -22.16 -1.33 -19.81
C VAL B 30 -22.72 -2.75 -20.08
N ALA B 31 -23.94 -3.00 -19.60
CA ALA B 31 -24.69 -4.25 -19.84
C ALA B 31 -23.94 -5.55 -19.59
N GLY B 32 -23.14 -5.59 -18.53
CA GLY B 32 -22.44 -6.82 -18.14
C GLY B 32 -21.04 -6.93 -18.73
N ASN B 33 -20.65 -5.93 -19.48
CA ASN B 33 -19.36 -5.98 -20.18
C ASN B 33 -18.44 -4.93 -19.59
N VAL B 34 -17.21 -5.33 -19.27
CA VAL B 34 -16.19 -4.43 -18.77
C VAL B 34 -15.12 -4.24 -19.83
N SER B 35 -14.74 -3.01 -20.08
CA SER B 35 -13.78 -2.70 -21.11
C SER B 35 -12.93 -1.53 -20.64
N LEU B 36 -11.89 -1.20 -21.40
CA LEU B 36 -11.05 -0.07 -21.06
C LEU B 36 -11.34 1.03 -22.06
N PHE B 37 -11.57 2.25 -21.59
CA PHE B 37 -12.06 3.34 -22.42
C PHE B 37 -11.54 4.68 -21.89
N GLN B 38 -11.44 5.64 -22.81
CA GLN B 38 -11.07 7.03 -22.50
C GLN B 38 -11.97 7.59 -21.38
N GLN B 39 -11.48 8.62 -20.73
CA GLN B 39 -12.21 9.33 -19.68
C GLN B 39 -13.60 9.79 -20.15
N THR B 40 -14.63 9.46 -19.38
CA THR B 40 -15.98 9.93 -19.66
C THR B 40 -16.54 10.93 -18.67
N ARG B 41 -15.96 11.00 -17.48
CA ARG B 41 -16.44 11.86 -16.41
C ARG B 41 -17.91 11.62 -16.14
N ASN B 42 -18.28 10.35 -16.05
CA ASN B 42 -19.65 9.98 -15.78
C ASN B 42 -19.71 8.56 -15.22
N TYR B 43 -20.92 8.09 -14.95
CA TYR B 43 -21.17 6.90 -14.13
C TYR B 43 -20.74 5.58 -14.77
N LEU B 44 -20.53 5.61 -16.08
CA LEU B 44 -20.06 4.46 -16.82
C LEU B 44 -18.67 4.06 -16.35
N GLU B 45 -17.93 4.99 -15.77
CA GLU B 45 -16.57 4.74 -15.25
C GLU B 45 -16.43 4.90 -13.73
N ARG B 46 -17.55 4.83 -13.03
CA ARG B 46 -17.55 4.94 -11.56
C ARG B 46 -17.87 3.60 -10.92
N TRP B 47 -17.20 3.33 -9.80
CA TRP B 47 -17.36 2.08 -9.08
C TRP B 47 -17.42 2.33 -7.58
N ARG B 48 -18.27 1.62 -6.88
CA ARG B 48 -18.33 1.69 -5.41
C ARG B 48 -17.51 0.55 -4.84
N LEU B 49 -16.55 0.88 -3.98
CA LEU B 49 -15.77 -0.16 -3.25
C LEU B 49 -16.51 -0.59 -2.00
N ILE B 50 -16.88 -1.86 -1.91
CA ILE B 50 -17.65 -2.37 -0.79
C ILE B 50 -16.82 -3.38 -0.01
N TYR B 51 -16.45 -3.01 1.21
CA TYR B 51 -15.57 -3.81 2.05
C TYR B 51 -16.35 -4.87 2.83
N ASP B 52 -15.82 -6.09 2.88
CA ASP B 52 -16.28 -7.12 3.82
C ASP B 52 -15.15 -7.43 4.84
N SER B 53 -15.31 -7.01 6.09
CA SER B 53 -14.26 -7.19 7.14
C SER B 53 -13.81 -8.64 7.39
N ASN B 54 -14.71 -9.61 7.17
CA ASN B 54 -14.38 -11.02 7.39
C ASN B 54 -13.46 -11.59 6.33
N LYS B 55 -13.76 -11.24 5.08
CA LYS B 55 -12.94 -11.66 3.96
C LYS B 55 -11.70 -10.75 3.84
N ALA B 56 -11.84 -9.51 4.28
CA ALA B 56 -10.80 -8.48 4.13
C ALA B 56 -10.57 -8.19 2.65
N ALA B 57 -11.67 -8.06 1.93
CA ALA B 57 -11.67 -7.90 0.50
C ALA B 57 -12.81 -6.96 0.12
N TYR B 58 -12.83 -6.61 -1.16
CA TYR B 58 -13.75 -5.61 -1.66
C TYR B 58 -14.55 -6.14 -2.82
N LYS B 59 -15.81 -5.77 -2.87
CA LYS B 59 -16.55 -5.82 -4.12
C LYS B 59 -16.32 -4.51 -4.84
N ILE B 60 -16.43 -4.57 -6.15
CA ILE B 60 -16.23 -3.43 -7.01
C ILE B 60 -17.53 -3.31 -7.84
N LYS B 61 -18.45 -2.50 -7.34
CA LYS B 61 -19.80 -2.39 -7.89
C LYS B 61 -19.91 -1.23 -8.88
N SER B 62 -20.49 -1.49 -10.04
CA SER B 62 -20.68 -0.49 -11.07
C SER B 62 -21.75 0.47 -10.62
N MET B 63 -21.59 1.74 -10.96
CA MET B 63 -22.58 2.76 -10.73
C MET B 63 -23.49 2.89 -11.91
N ASP B 64 -23.72 1.79 -12.63
CA ASP B 64 -24.67 1.83 -13.71
C ASP B 64 -26.03 2.21 -13.17
N ILE B 65 -26.72 3.04 -13.92
CA ILE B 65 -27.96 3.64 -13.48
C ILE B 65 -29.17 2.78 -13.85
N HIS B 66 -29.00 1.88 -14.83
CA HIS B 66 -30.08 0.95 -15.25
C HIS B 66 -30.03 -0.38 -14.50
N ASN B 67 -28.93 -1.11 -14.65
CA ASN B 67 -28.62 -2.33 -13.92
C ASN B 67 -27.87 -1.93 -12.64
N THR B 68 -28.56 -1.97 -11.51
CA THR B 68 -28.06 -1.40 -10.25
C THR B 68 -27.33 -2.39 -9.37
N ASN B 69 -27.29 -3.65 -9.76
CA ASN B 69 -26.69 -4.66 -8.89
C ASN B 69 -25.50 -5.40 -9.51
N LEU B 70 -24.72 -4.71 -10.34
CA LEU B 70 -23.62 -5.36 -11.05
C LEU B 70 -22.29 -5.11 -10.38
N VAL B 71 -21.49 -6.18 -10.23
CA VAL B 71 -20.17 -6.12 -9.63
C VAL B 71 -19.10 -6.84 -10.45
N LEU B 72 -17.88 -6.33 -10.40
CA LEU B 72 -16.77 -6.94 -11.13
C LEU B 72 -16.60 -8.40 -10.74
N THR B 73 -16.71 -9.30 -11.73
CA THR B 73 -16.73 -10.73 -11.48
C THR B 73 -15.68 -11.45 -12.32
N TRP B 74 -14.94 -12.38 -11.71
CA TRP B 74 -14.06 -13.28 -12.47
C TRP B 74 -14.81 -14.49 -13.01
N ASN B 75 -14.86 -14.63 -14.34
CA ASN B 75 -15.54 -15.76 -15.01
C ASN B 75 -14.72 -17.07 -15.02
N ALA B 76 -14.39 -17.54 -13.83
CA ALA B 76 -13.79 -18.85 -13.63
C ALA B 76 -14.54 -19.96 -14.34
N PRO B 77 -13.81 -20.91 -14.97
CA PRO B 77 -12.36 -21.09 -14.97
C PRO B 77 -11.58 -20.35 -16.09
N THR B 78 -12.24 -19.47 -16.83
CA THR B 78 -11.54 -18.67 -17.83
C THR B 78 -10.78 -17.57 -17.15
N HIS B 79 -9.98 -16.85 -17.92
CA HIS B 79 -9.32 -15.64 -17.44
C HIS B 79 -10.14 -14.36 -17.65
N ASN B 80 -11.36 -14.50 -18.14
CA ASN B 80 -12.22 -13.33 -18.43
C ASN B 80 -12.82 -12.65 -17.22
N ILE B 81 -13.16 -11.39 -17.42
CA ILE B 81 -13.71 -10.51 -16.39
C ILE B 81 -15.03 -9.99 -16.98
N SER B 82 -16.08 -9.93 -16.15
CA SER B 82 -17.34 -9.33 -16.53
C SER B 82 -17.95 -8.58 -15.35
N THR B 83 -19.14 -8.02 -15.57
CA THR B 83 -19.97 -7.59 -14.45
C THR B 83 -21.21 -8.46 -14.41
N GLN B 84 -21.51 -8.99 -13.23
CA GLN B 84 -22.66 -9.89 -13.04
C GLN B 84 -23.50 -9.48 -11.81
N GLN B 85 -24.73 -9.95 -11.73
CA GLN B 85 -25.55 -9.80 -10.52
C GLN B 85 -24.75 -10.21 -9.28
N ASP B 86 -24.73 -9.30 -8.30
CA ASP B 86 -24.04 -9.52 -7.05
C ASP B 86 -24.72 -10.64 -6.26
N SER B 87 -23.96 -11.69 -5.99
CA SER B 87 -24.41 -12.79 -5.16
C SER B 87 -23.44 -12.99 -3.96
N ASN B 88 -22.56 -12.03 -3.70
CA ASN B 88 -21.51 -12.13 -2.65
C ASN B 88 -20.52 -13.29 -2.82
N ALA B 89 -20.29 -13.70 -4.06
CA ALA B 89 -19.49 -14.87 -4.34
C ALA B 89 -18.00 -14.53 -4.24
N ASP B 90 -17.18 -15.55 -4.03
CA ASP B 90 -15.75 -15.32 -3.80
C ASP B 90 -15.10 -14.75 -5.05
N ASN B 91 -15.64 -15.11 -6.21
CA ASN B 91 -15.17 -14.51 -7.46
C ASN B 91 -15.68 -13.08 -7.70
N GLN B 92 -16.38 -12.50 -6.71
CA GLN B 92 -16.82 -11.10 -6.77
C GLN B 92 -16.08 -10.23 -5.77
N TYR B 93 -15.07 -10.81 -5.14
CA TYR B 93 -14.23 -10.10 -4.19
C TYR B 93 -12.80 -10.01 -4.66
N TRP B 94 -12.12 -8.96 -4.20
CA TRP B 94 -10.82 -8.55 -4.72
C TRP B 94 -9.97 -7.99 -3.60
N LEU B 95 -8.68 -8.27 -3.62
CA LEU B 95 -7.77 -7.70 -2.66
C LEU B 95 -7.19 -6.47 -3.30
N LEU B 96 -7.27 -5.35 -2.60
CA LEU B 96 -6.70 -4.13 -3.07
C LEU B 96 -5.36 -3.94 -2.39
N LEU B 97 -4.32 -4.27 -3.14
CA LEU B 97 -2.99 -4.23 -2.62
C LEU B 97 -2.27 -3.00 -3.15
N LYS B 98 -1.98 -2.06 -2.26
CA LYS B 98 -1.36 -0.82 -2.64
C LYS B 98 0.16 -0.89 -2.64
N ASP B 99 0.73 -0.68 -3.82
CA ASP B 99 2.15 -0.67 -4.06
C ASP B 99 2.68 0.67 -3.62
N ILE B 100 3.24 0.70 -2.43
CA ILE B 100 3.69 1.96 -1.84
C ILE B 100 4.87 2.50 -2.62
N GLY B 101 4.94 3.81 -2.72
CA GLY B 101 5.96 4.46 -3.54
C GLY B 101 5.58 4.56 -5.01
N ASN B 102 4.71 3.66 -5.47
CA ASN B 102 4.25 3.62 -6.84
C ASN B 102 2.86 4.23 -7.02
N ASN B 103 2.22 4.62 -5.93
CA ASN B 103 0.82 5.10 -5.91
C ASN B 103 -0.16 4.30 -6.80
N SER B 104 0.01 2.99 -6.84
CA SER B 104 -0.80 2.15 -7.70
C SER B 104 -1.23 0.92 -6.96
N PHE B 105 -2.22 0.21 -7.52
CA PHE B 105 -2.77 -0.95 -6.85
C PHE B 105 -2.65 -2.13 -7.76
N ILE B 106 -2.27 -3.26 -7.18
CA ILE B 106 -2.49 -4.57 -7.78
C ILE B 106 -3.82 -5.07 -7.19
N ILE B 107 -4.65 -5.67 -8.02
CA ILE B 107 -5.99 -6.05 -7.65
C ILE B 107 -6.12 -7.55 -7.86
N ALA B 108 -6.05 -8.28 -6.77
CA ALA B 108 -6.03 -9.73 -6.84
C ALA B 108 -7.38 -10.33 -6.56
N SER B 109 -7.69 -11.45 -7.18
CA SER B 109 -8.91 -12.19 -6.89
C SER B 109 -8.87 -12.80 -5.50
N TYR B 110 -9.93 -12.60 -4.73
CA TYR B 110 -10.06 -13.21 -3.43
C TYR B 110 -10.27 -14.71 -3.55
N LYS B 111 -11.00 -15.13 -4.59
CA LYS B 111 -11.21 -16.55 -4.84
C LYS B 111 -9.89 -17.23 -5.05
N ASN B 112 -9.03 -16.58 -5.82
CA ASN B 112 -7.70 -17.11 -6.11
C ASN B 112 -6.68 -15.99 -6.26
N PRO B 113 -5.97 -15.68 -5.16
CA PRO B 113 -5.02 -14.59 -5.16
C PRO B 113 -3.76 -14.79 -5.97
N ASN B 114 -3.52 -16.01 -6.48
CA ASN B 114 -2.47 -16.25 -7.48
C ASN B 114 -2.72 -15.36 -8.72
N LEU B 115 -3.98 -14.92 -8.89
CA LEU B 115 -4.38 -14.21 -10.09
C LEU B 115 -4.77 -12.77 -9.80
N VAL B 116 -4.33 -11.86 -10.68
CA VAL B 116 -4.55 -10.44 -10.54
C VAL B 116 -5.05 -9.85 -11.85
N LEU B 117 -5.64 -8.66 -11.77
CA LEU B 117 -6.19 -8.00 -12.96
C LEU B 117 -5.06 -7.52 -13.85
N TYR B 118 -5.27 -7.69 -15.14
CA TYR B 118 -4.28 -7.40 -16.16
C TYR B 118 -4.91 -6.55 -17.25
N ALA B 119 -4.32 -5.40 -17.56
CA ALA B 119 -4.83 -4.52 -18.61
C ALA B 119 -4.26 -4.88 -19.99
N ASP B 120 -5.14 -5.36 -20.87
CA ASP B 120 -4.83 -5.58 -22.27
C ASP B 120 -5.13 -4.26 -22.97
N THR B 121 -4.08 -3.47 -23.21
CA THR B 121 -4.27 -2.12 -23.70
C THR B 121 -4.55 -2.07 -25.19
N VAL B 122 -4.30 -3.18 -25.89
CA VAL B 122 -4.55 -3.25 -27.32
C VAL B 122 -5.97 -3.78 -27.56
N ALA B 123 -6.32 -4.90 -26.92
CA ALA B 123 -7.71 -5.37 -26.93
C ALA B 123 -8.69 -4.44 -26.15
N ARG B 124 -8.14 -3.55 -25.33
CA ARG B 124 -8.94 -2.61 -24.52
C ARG B 124 -9.89 -3.34 -23.54
N ASN B 125 -9.42 -4.41 -22.92
CA ASN B 125 -10.21 -5.05 -21.87
C ASN B 125 -9.32 -5.62 -20.79
N LEU B 126 -9.94 -6.30 -19.84
CA LEU B 126 -9.26 -6.81 -18.65
C LEU B 126 -9.20 -8.31 -18.70
N LYS B 127 -8.16 -8.88 -18.11
CA LYS B 127 -8.12 -10.31 -17.89
C LYS B 127 -7.46 -10.60 -16.55
N LEU B 128 -7.42 -11.86 -16.18
CA LEU B 128 -6.66 -12.26 -15.01
C LEU B 128 -5.34 -12.82 -15.42
N SER B 129 -4.33 -12.52 -14.61
CA SER B 129 -2.99 -12.96 -14.87
C SER B 129 -2.21 -13.31 -13.61
N THR B 130 -1.17 -14.12 -13.79
CA THR B 130 -0.19 -14.30 -12.76
C THR B 130 0.59 -12.98 -12.74
N LEU B 131 1.43 -12.81 -11.73
CA LEU B 131 2.08 -11.53 -11.48
C LEU B 131 3.34 -11.35 -12.31
N ASN B 132 3.73 -10.08 -12.42
CA ASN B 132 4.96 -9.72 -13.05
C ASN B 132 5.29 -8.31 -12.58
N ASN B 133 6.32 -7.73 -13.14
CA ASN B 133 6.77 -6.41 -12.72
C ASN B 133 6.37 -5.28 -13.63
N SER B 134 5.50 -5.57 -14.60
CA SER B 134 5.03 -4.57 -15.57
C SER B 134 3.87 -3.73 -14.98
N ASN B 135 3.60 -2.61 -15.64
CA ASN B 135 2.55 -1.70 -15.28
C ASN B 135 1.18 -2.21 -15.72
N TYR B 136 1.17 -3.31 -16.48
CA TYR B 136 -0.08 -3.90 -16.94
C TYR B 136 -0.95 -4.49 -15.82
N ILE B 137 -0.32 -4.82 -14.69
CA ILE B 137 -1.10 -5.27 -13.52
C ILE B 137 -1.21 -4.22 -12.43
N LYS B 138 -0.96 -2.97 -12.79
CA LYS B 138 -1.06 -1.88 -11.83
C LYS B 138 -2.13 -0.89 -12.25
N PHE B 139 -2.94 -0.48 -11.27
CA PHE B 139 -4.07 0.39 -11.51
C PHE B 139 -4.05 1.57 -10.57
N ILE B 140 -4.61 2.67 -11.05
CA ILE B 140 -4.74 3.92 -10.29
C ILE B 140 -6.18 4.05 -9.79
N ILE B 141 -6.35 4.03 -8.47
CA ILE B 141 -7.70 4.16 -7.87
C ILE B 141 -7.85 5.53 -7.26
N GLU B 142 -8.87 6.26 -7.68
CA GLU B 142 -9.01 7.64 -7.31
C GLU B 142 -10.47 8.02 -7.10
N ASP B 143 -10.69 8.77 -6.03
CA ASP B 143 -11.96 9.45 -5.82
C ASP B 143 -12.44 10.02 -7.13
N TYR B 144 -13.69 9.77 -7.47
CA TYR B 144 -14.19 10.15 -8.78
C TYR B 144 -14.24 11.65 -8.99
N ILE B 145 -14.40 12.42 -7.93
CA ILE B 145 -14.40 13.87 -8.03
C ILE B 145 -13.01 14.37 -8.43
N ILE B 146 -11.99 13.91 -7.71
CA ILE B 146 -10.62 14.28 -8.03
C ILE B 146 -10.28 13.83 -9.47
N SER B 147 -10.68 12.62 -9.79
CA SER B 147 -10.44 12.07 -11.09
C SER B 147 -11.06 12.96 -12.18
N ASP B 148 -12.30 13.35 -11.96
CA ASP B 148 -13.01 14.18 -12.91
C ASP B 148 -12.47 15.59 -13.02
N LEU B 149 -11.99 16.14 -11.92
CA LEU B 149 -11.67 17.56 -11.89
C LEU B 149 -10.21 17.88 -12.18
N ASN B 150 -9.33 16.92 -11.96
CA ASN B 150 -7.89 17.13 -12.10
C ASN B 150 -7.52 17.23 -13.55
N ASN B 151 -6.88 18.32 -13.93
CA ASN B 151 -6.54 18.60 -15.32
C ASN B 151 -7.74 18.86 -16.23
N PHE B 152 -8.83 19.27 -15.61
CA PHE B 152 -10.06 19.62 -16.33
C PHE B 152 -10.07 21.11 -16.59
N THR B 153 -10.26 21.48 -17.84
CA THR B 153 -10.41 22.88 -18.22
C THR B 153 -11.90 23.19 -18.24
N CYS B 154 -12.30 24.15 -17.43
CA CYS B 154 -13.70 24.42 -17.20
C CYS B 154 -14.04 25.91 -17.25
N LYS B 155 -15.33 26.20 -17.31
CA LYS B 155 -15.85 27.48 -16.89
C LYS B 155 -16.62 27.28 -15.57
N ILE B 156 -16.67 28.34 -14.79
CA ILE B 156 -17.33 28.32 -13.50
C ILE B 156 -18.47 29.34 -13.51
N SER B 157 -19.69 28.83 -13.36
CA SER B 157 -20.89 29.66 -13.36
C SER B 157 -21.61 29.57 -12.01
N PRO B 158 -22.19 30.69 -11.55
CA PRO B 158 -23.06 30.60 -10.39
C PRO B 158 -24.40 30.00 -10.81
N ILE B 159 -25.08 29.28 -9.92
CA ILE B 159 -26.35 28.68 -10.30
C ILE B 159 -27.52 29.68 -10.38
N LEU B 160 -27.30 30.92 -9.94
CA LEU B 160 -28.31 31.98 -10.10
C LEU B 160 -28.37 32.52 -11.54
N ASP B 161 -27.26 32.43 -12.28
CA ASP B 161 -27.28 32.59 -13.74
C ASP B 161 -26.17 31.79 -14.44
N LEU B 162 -26.59 30.68 -15.04
CA LEU B 162 -25.71 29.77 -15.73
C LEU B 162 -25.23 30.29 -17.10
N ASN B 163 -25.77 31.42 -17.56
CA ASN B 163 -25.25 32.07 -18.76
C ASN B 163 -24.05 32.99 -18.46
N LYS B 164 -23.72 33.16 -17.17
CA LYS B 164 -22.60 34.00 -16.74
C LYS B 164 -21.48 33.14 -16.19
N VAL B 165 -20.26 33.70 -16.18
CA VAL B 165 -19.06 33.00 -15.71
C VAL B 165 -18.16 33.86 -14.83
N VAL B 166 -17.34 33.18 -14.04
CA VAL B 166 -16.25 33.77 -13.28
C VAL B 166 -15.06 33.96 -14.21
N GLN B 167 -14.59 35.20 -14.32
CA GLN B 167 -13.47 35.53 -15.21
C GLN B 167 -12.42 36.38 -14.51
N GLN B 168 -11.17 36.15 -14.91
CA GLN B 168 -10.15 37.19 -14.88
C GLN B 168 -10.54 38.23 -15.95
N VAL B 169 -10.31 39.52 -15.66
CA VAL B 169 -10.78 40.62 -16.54
C VAL B 169 -9.95 40.71 -17.83
N ASP B 170 -8.64 40.64 -17.72
CA ASP B 170 -7.73 40.43 -18.87
C ASP B 170 -6.32 40.10 -18.38
N VAL B 171 -5.38 39.88 -19.29
CA VAL B 171 -4.04 39.39 -18.93
C VAL B 171 -3.28 40.24 -17.89
N THR B 172 -3.51 41.55 -17.89
CA THR B 172 -2.81 42.48 -17.00
C THR B 172 -3.63 42.89 -15.77
N ASN B 173 -4.95 42.95 -15.91
CA ASN B 173 -5.85 43.20 -14.76
C ASN B 173 -6.30 41.85 -14.19
N LEU B 174 -5.91 41.56 -12.95
CA LEU B 174 -6.07 40.22 -12.38
C LEU B 174 -7.32 40.07 -11.50
N ASN B 175 -8.11 41.13 -11.37
CA ASN B 175 -9.38 41.03 -10.62
C ASN B 175 -10.31 40.00 -11.23
N VAL B 176 -11.18 39.44 -10.39
CA VAL B 176 -12.08 38.36 -10.80
C VAL B 176 -13.54 38.80 -10.63
N ASN B 177 -14.28 38.82 -11.75
CA ASN B 177 -15.69 39.20 -11.70
C ASN B 177 -16.60 38.30 -12.55
N LEU B 178 -17.89 38.59 -12.55
CA LEU B 178 -18.90 37.77 -13.19
C LEU B 178 -19.30 38.41 -14.51
N TYR B 179 -19.27 37.63 -15.59
CA TYR B 179 -19.57 38.18 -16.90
C TYR B 179 -20.27 37.14 -17.77
N THR B 180 -20.91 37.63 -18.82
CA THR B 180 -21.47 36.75 -19.84
C THR B 180 -20.35 35.98 -20.52
N TRP B 181 -20.51 34.67 -20.53
CA TRP B 181 -19.64 33.79 -21.27
C TRP B 181 -19.40 34.34 -22.67
N ASP B 182 -18.14 34.66 -22.99
CA ASP B 182 -17.77 35.10 -24.35
C ASP B 182 -16.71 34.17 -25.02
N TYR B 183 -16.51 32.98 -24.47
CA TYR B 183 -15.54 31.97 -24.98
C TYR B 183 -14.07 32.38 -24.91
N GLY B 184 -13.74 33.47 -24.23
CA GLY B 184 -12.35 33.91 -24.12
C GLY B 184 -11.55 33.09 -23.14
N ARG B 185 -10.24 33.02 -23.35
CA ARG B 185 -9.37 32.24 -22.47
C ARG B 185 -9.27 32.82 -21.05
N ASN B 186 -9.47 34.13 -20.93
CA ASN B 186 -9.61 34.78 -19.62
C ASN B 186 -10.80 34.27 -18.81
N GLN B 187 -11.70 33.51 -19.44
CA GLN B 187 -12.88 32.95 -18.80
C GLN B 187 -12.80 31.43 -18.63
N LYS B 188 -11.65 30.85 -18.93
CA LYS B 188 -11.44 29.43 -18.70
C LYS B 188 -10.40 29.20 -17.63
N TRP B 189 -10.56 28.10 -16.91
CA TRP B 189 -9.65 27.75 -15.83
C TRP B 189 -9.36 26.26 -15.86
N THR B 190 -8.10 25.92 -15.70
CA THR B 190 -7.72 24.53 -15.61
C THR B 190 -7.42 24.12 -14.15
N ILE B 191 -8.15 23.11 -13.70
CA ILE B 191 -8.06 22.66 -12.32
C ILE B 191 -6.97 21.61 -12.21
N ARG B 192 -6.13 21.76 -11.20
CA ARG B 192 -5.08 20.79 -10.91
C ARG B 192 -5.09 20.44 -9.42
N TYR B 193 -4.99 19.15 -9.14
CA TYR B 193 -5.05 18.64 -7.78
C TYR B 193 -3.65 18.44 -7.27
N ASN B 194 -3.38 18.95 -6.07
CA ASN B 194 -2.10 18.73 -5.40
C ASN B 194 -2.27 17.66 -4.31
N GLU B 195 -1.56 16.54 -4.47
CA GLU B 195 -1.72 15.41 -3.55
C GLU B 195 -1.05 15.63 -2.19
N GLU B 196 0.06 16.36 -2.17
CA GLU B 196 0.77 16.72 -0.93
C GLU B 196 -0.14 17.52 0.02
N LYS B 197 -1.04 18.32 -0.55
CA LYS B 197 -1.92 19.19 0.24
C LYS B 197 -3.39 18.77 0.28
N ALA B 198 -3.80 17.81 -0.57
CA ALA B 198 -5.21 17.44 -0.71
C ALA B 198 -6.10 18.67 -0.97
N ALA B 199 -5.78 19.36 -2.06
CA ALA B 199 -6.50 20.56 -2.46
C ALA B 199 -6.13 20.95 -3.90
N TYR B 200 -6.88 21.90 -4.46
CA TYR B 200 -6.81 22.21 -5.89
C TYR B 200 -6.38 23.65 -6.15
N GLN B 201 -5.81 23.87 -7.32
CA GLN B 201 -5.66 25.23 -7.84
C GLN B 201 -6.47 25.42 -9.12
N PHE B 202 -6.88 26.65 -9.35
CA PHE B 202 -7.62 27.00 -10.54
C PHE B 202 -6.72 27.87 -11.37
N PHE B 203 -6.16 27.33 -12.45
CA PHE B 203 -5.27 28.12 -13.30
C PHE B 203 -6.08 28.76 -14.40
N ASN B 204 -6.09 30.08 -14.45
CA ASN B 204 -6.70 30.77 -15.58
C ASN B 204 -5.90 30.53 -16.85
N THR B 205 -6.57 30.18 -17.95
CA THR B 205 -5.90 29.71 -19.17
C THR B 205 -5.36 30.83 -20.05
N ILE B 206 -5.55 32.08 -19.63
CA ILE B 206 -4.94 33.20 -20.33
C ILE B 206 -3.53 33.52 -19.81
N LEU B 207 -3.11 32.82 -18.76
CA LEU B 207 -1.74 32.90 -18.24
C LEU B 207 -1.17 31.51 -17.98
N SER B 208 0.15 31.44 -17.85
CA SER B 208 0.85 30.20 -17.53
C SER B 208 0.78 29.89 -16.03
N ASN B 209 1.05 30.88 -15.18
CA ASN B 209 1.16 30.67 -13.73
C ASN B 209 0.08 31.36 -12.87
N GLY B 210 -1.00 31.83 -13.48
CA GLY B 210 -2.05 32.52 -12.71
C GLY B 210 -3.03 31.59 -12.03
N VAL B 211 -3.20 31.72 -10.71
CA VAL B 211 -4.15 30.89 -9.96
C VAL B 211 -5.14 31.69 -9.12
N LEU B 212 -6.39 31.21 -9.05
CA LEU B 212 -7.42 31.85 -8.25
C LEU B 212 -6.98 31.89 -6.80
N THR B 213 -7.05 33.08 -6.20
CA THR B 213 -6.44 33.36 -4.88
C THR B 213 -7.32 34.25 -3.99
N TRP B 214 -7.39 33.91 -2.69
CA TRP B 214 -7.96 34.79 -1.68
C TRP B 214 -6.89 35.79 -1.19
N ILE B 215 -7.18 37.08 -1.38
CA ILE B 215 -6.28 38.15 -0.99
C ILE B 215 -6.53 38.44 0.48
N PHE B 216 -6.14 37.50 1.33
CA PHE B 216 -6.28 37.63 2.79
C PHE B 216 -5.57 38.87 3.37
N SER B 217 -4.81 39.58 2.53
CA SER B 217 -4.22 40.89 2.87
C SER B 217 -5.21 42.05 2.67
N ASN B 218 -6.39 41.74 2.12
CA ASN B 218 -7.39 42.75 1.82
C ASN B 218 -8.82 42.29 2.18
N GLY B 219 -8.96 41.58 3.30
CA GLY B 219 -10.25 41.04 3.73
C GLY B 219 -10.79 39.98 2.79
N ASN B 220 -11.95 40.24 2.18
CA ASN B 220 -12.66 39.25 1.35
C ASN B 220 -12.31 39.25 -0.16
N THR B 221 -11.43 40.16 -0.59
CA THR B 221 -11.14 40.30 -2.01
C THR B 221 -10.55 39.01 -2.59
N VAL B 222 -10.96 38.68 -3.82
CA VAL B 222 -10.44 37.52 -4.55
C VAL B 222 -9.84 37.97 -5.90
N ARG B 223 -8.62 37.52 -6.17
CA ARG B 223 -7.90 37.84 -7.39
C ARG B 223 -7.05 36.67 -7.83
N VAL B 224 -6.57 36.74 -9.06
CA VAL B 224 -5.60 35.79 -9.59
C VAL B 224 -4.20 36.33 -9.30
N SER B 225 -3.30 35.46 -8.88
CA SER B 225 -1.89 35.82 -8.68
C SER B 225 -0.98 34.66 -9.10
N SER B 226 0.30 34.97 -9.30
CA SER B 226 1.28 33.96 -9.70
C SER B 226 1.44 32.84 -8.65
N SER B 227 1.85 31.67 -9.16
CA SER B 227 2.15 30.48 -8.37
C SER B 227 3.65 30.42 -8.12
N ASN B 228 4.36 31.47 -8.52
CA ASN B 228 5.81 31.53 -8.33
C ASN B 228 6.20 31.54 -6.86
N ASP B 229 5.21 31.75 -5.99
CA ASP B 229 5.45 31.78 -4.56
C ASP B 229 5.79 30.41 -4.01
N GLN B 230 6.47 30.37 -2.88
CA GLN B 230 6.86 29.10 -2.25
C GLN B 230 5.64 28.27 -1.87
N ASN B 231 4.87 28.77 -0.89
CA ASN B 231 3.69 28.07 -0.43
C ASN B 231 2.70 29.01 0.25
N ASN B 232 1.50 29.12 -0.30
CA ASN B 232 0.47 29.98 0.26
C ASN B 232 -0.88 29.24 0.21
N ASP B 233 -1.37 28.86 1.38
CA ASP B 233 -2.59 28.05 1.49
C ASP B 233 -3.83 28.72 0.88
N ALA B 234 -3.77 30.04 0.76
CA ALA B 234 -4.80 30.87 0.13
C ALA B 234 -5.03 30.57 -1.34
N GLN B 235 -3.97 30.10 -2.01
CA GLN B 235 -4.04 29.70 -3.42
C GLN B 235 -4.86 28.42 -3.67
N TYR B 236 -5.03 27.63 -2.62
CA TYR B 236 -5.58 26.28 -2.77
C TYR B 236 -7.00 26.20 -2.26
N TRP B 237 -7.76 25.26 -2.80
CA TRP B 237 -9.21 25.23 -2.55
C TRP B 237 -9.73 23.81 -2.42
N LEU B 238 -10.77 23.66 -1.59
CA LEU B 238 -11.49 22.39 -1.51
C LEU B 238 -12.74 22.50 -2.38
N ILE B 239 -12.97 21.50 -3.19
CA ILE B 239 -14.14 21.48 -4.06
C ILE B 239 -15.01 20.34 -3.58
N ASN B 240 -16.24 20.66 -3.19
CA ASN B 240 -17.16 19.68 -2.64
C ASN B 240 -18.46 19.63 -3.41
N PRO B 241 -18.88 18.43 -3.84
CA PRO B 241 -20.12 18.30 -4.59
C PRO B 241 -21.36 18.58 -3.74
N VAL B 242 -22.31 19.27 -4.32
CA VAL B 242 -23.63 19.40 -3.74
C VAL B 242 -24.44 18.18 -4.18
N SER B 243 -25.13 17.56 -3.21
CA SER B 243 -25.89 16.32 -3.43
C SER B 243 -26.95 16.44 -4.52
N ASP B 244 -27.20 15.34 -5.22
CA ASP B 244 -28.21 15.31 -6.27
C ASP B 244 -27.81 16.02 -7.56
N THR B 245 -26.69 16.74 -7.58
CA THR B 245 -26.25 17.45 -8.79
C THR B 245 -25.06 16.74 -9.45
N ASP B 246 -24.98 16.83 -10.77
CA ASP B 246 -23.81 16.32 -11.53
C ASP B 246 -22.60 17.26 -11.51
N GLU B 247 -22.86 18.57 -11.61
CA GLU B 247 -21.79 19.56 -11.87
C GLU B 247 -21.75 20.70 -10.85
N THR B 248 -22.46 20.58 -9.73
CA THR B 248 -22.54 21.67 -8.77
C THR B 248 -21.74 21.45 -7.48
N TYR B 249 -20.94 22.47 -7.13
CA TYR B 249 -19.96 22.38 -6.07
C TYR B 249 -19.94 23.62 -5.23
N THR B 250 -19.54 23.44 -3.99
CA THR B 250 -19.10 24.52 -3.13
C THR B 250 -17.58 24.51 -3.15
N ILE B 251 -16.99 25.70 -3.17
CA ILE B 251 -15.54 25.88 -3.23
C ILE B 251 -15.05 26.66 -2.02
N THR B 252 -14.34 25.98 -1.12
CA THR B 252 -13.82 26.59 0.09
C THR B 252 -12.30 26.72 0.03
N ASN B 253 -11.77 27.65 0.82
CA ASN B 253 -10.34 27.98 0.77
C ASN B 253 -9.57 27.11 1.75
N LEU B 254 -8.35 26.74 1.38
CA LEU B 254 -7.52 25.90 2.23
C LEU B 254 -7.09 26.61 3.53
N ARG B 255 -6.66 27.86 3.41
CA ARG B 255 -6.18 28.63 4.58
C ARG B 255 -7.22 28.60 5.69
N ASP B 256 -8.46 28.90 5.33
CA ASP B 256 -9.58 28.94 6.28
C ASP B 256 -10.79 28.41 5.55
N THR B 257 -11.20 27.19 5.90
CA THR B 257 -12.30 26.50 5.22
C THR B 257 -13.71 27.07 5.53
N THR B 258 -13.82 27.93 6.54
CA THR B 258 -15.08 28.66 6.76
C THR B 258 -15.33 29.71 5.64
N LYS B 259 -14.29 30.04 4.87
CA LYS B 259 -14.39 30.99 3.77
C LYS B 259 -14.71 30.27 2.45
N ALA B 260 -15.88 30.58 1.90
CA ALA B 260 -16.35 29.97 0.64
C ALA B 260 -16.33 31.00 -0.48
N LEU B 261 -15.93 30.57 -1.68
CA LEU B 261 -15.97 31.46 -2.83
C LEU B 261 -17.42 31.90 -2.99
N ASP B 262 -17.63 33.19 -3.20
CA ASP B 262 -18.97 33.79 -3.12
C ASP B 262 -19.21 34.91 -4.14
N LEU B 263 -20.42 34.92 -4.68
CA LEU B 263 -20.89 35.97 -5.61
C LEU B 263 -21.54 37.08 -4.78
N TYR B 264 -21.04 38.31 -4.96
CA TYR B 264 -21.49 39.46 -4.16
C TYR B 264 -23.00 39.65 -4.25
N GLY B 265 -23.66 39.55 -3.09
CA GLY B 265 -25.08 39.83 -2.93
C GLY B 265 -26.02 38.95 -3.73
N GLY B 266 -25.53 37.81 -4.18
CA GLY B 266 -26.19 37.01 -5.20
C GLY B 266 -26.64 37.86 -6.39
N GLN B 267 -25.90 38.92 -6.70
CA GLN B 267 -26.21 39.82 -7.83
C GLN B 267 -25.68 39.16 -9.10
N THR B 268 -26.43 39.31 -10.20
CA THR B 268 -26.14 38.60 -11.44
C THR B 268 -25.78 39.53 -12.60
N ALA B 269 -25.52 40.80 -12.32
CA ALA B 269 -25.13 41.75 -13.35
C ALA B 269 -23.63 41.62 -13.71
N ASN B 270 -23.29 42.06 -14.93
CA ASN B 270 -21.89 42.13 -15.39
C ASN B 270 -21.06 43.05 -14.49
N GLY B 271 -19.91 42.57 -14.05
CA GLY B 271 -19.02 43.35 -13.20
C GLY B 271 -19.06 42.94 -11.74
N THR B 272 -20.21 42.41 -11.31
CA THR B 272 -20.40 41.92 -9.95
C THR B 272 -19.14 41.21 -9.42
N ALA B 273 -18.71 41.57 -8.22
CA ALA B 273 -17.49 41.01 -7.64
C ALA B 273 -17.61 39.54 -7.23
N ILE B 274 -16.57 38.76 -7.50
CA ILE B 274 -16.46 37.42 -6.96
C ILE B 274 -15.49 37.54 -5.78
N GLN B 275 -15.93 37.13 -4.60
CA GLN B 275 -15.12 37.24 -3.40
C GLN B 275 -15.34 36.02 -2.53
N VAL B 276 -14.57 35.89 -1.45
CA VAL B 276 -14.85 34.87 -0.45
C VAL B 276 -15.78 35.44 0.63
N PHE B 277 -16.48 34.55 1.30
CA PHE B 277 -17.46 34.95 2.31
C PHE B 277 -17.77 33.72 3.17
N ASN B 278 -18.09 33.97 4.43
CA ASN B 278 -18.39 32.90 5.39
C ASN B 278 -19.42 31.90 4.82
N TYR B 279 -19.08 30.61 4.90
CA TYR B 279 -19.94 29.56 4.36
C TYR B 279 -21.32 29.58 5.03
N HIS B 280 -22.35 29.90 4.26
CA HIS B 280 -23.74 29.62 4.66
C HIS B 280 -24.44 28.59 3.74
N GLY B 281 -23.84 28.27 2.59
CA GLY B 281 -24.41 27.27 1.68
C GLY B 281 -25.64 27.72 0.90
N ASP B 282 -25.89 29.03 0.86
CA ASP B 282 -26.99 29.58 0.07
C ASP B 282 -26.63 29.44 -1.40
N ASP B 283 -27.59 29.76 -2.28
CA ASP B 283 -27.43 29.59 -3.71
C ASP B 283 -26.24 30.37 -4.30
N ASN B 284 -25.96 31.54 -3.74
CA ASN B 284 -24.81 32.37 -4.15
C ASN B 284 -23.43 31.78 -3.83
N GLN B 285 -23.38 30.68 -3.08
CA GLN B 285 -22.12 29.97 -2.80
C GLN B 285 -22.06 28.61 -3.53
N LYS B 286 -22.99 28.38 -4.46
CA LYS B 286 -23.00 27.15 -5.25
C LYS B 286 -22.56 27.44 -6.69
N TRP B 287 -21.67 26.58 -7.18
CA TRP B 287 -20.98 26.81 -8.44
C TRP B 287 -21.07 25.65 -9.39
N ASN B 288 -21.42 25.98 -10.62
CA ASN B 288 -21.43 25.02 -11.69
C ASN B 288 -20.10 25.00 -12.43
N ILE B 289 -19.40 23.87 -12.34
CA ILE B 289 -18.13 23.67 -13.03
C ILE B 289 -18.43 22.77 -14.22
N ARG B 290 -18.21 23.31 -15.42
CA ARG B 290 -18.68 22.70 -16.66
C ARG B 290 -17.62 22.65 -17.74
N ASN B 291 -17.79 21.71 -18.66
CA ASN B 291 -17.16 21.79 -19.96
C ASN B 291 -17.44 23.13 -20.58
N PRO B 292 -16.48 23.68 -21.32
CA PRO B 292 -16.85 24.71 -22.29
C PRO B 292 -17.47 24.05 -23.52
N PRO B 293 -18.62 24.55 -24.00
CA PRO B 293 -19.18 24.00 -25.25
C PRO B 293 -18.33 24.29 -26.47
N VAL C 4 5.83 -51.07 -25.13
CA VAL C 4 4.41 -51.04 -25.60
C VAL C 4 3.87 -49.63 -25.39
N GLU C 5 3.88 -48.84 -26.45
CA GLU C 5 3.47 -47.43 -26.41
C GLU C 5 1.95 -47.25 -26.39
N ARG C 6 1.47 -46.55 -25.36
CA ARG C 6 0.05 -46.38 -25.12
C ARG C 6 -0.41 -44.99 -25.53
N THR C 7 0.54 -44.09 -25.78
CA THR C 7 0.23 -42.67 -25.87
C THR C 7 1.23 -41.92 -26.76
N PHE C 8 1.24 -40.59 -26.66
CA PHE C 8 1.96 -39.69 -27.60
C PHE C 8 3.41 -39.44 -27.21
N LEU C 9 3.78 -39.87 -26.02
CA LEU C 9 5.07 -39.56 -25.43
C LEU C 9 5.65 -40.86 -24.85
N PRO C 10 6.61 -41.48 -25.55
CA PRO C 10 7.11 -42.80 -25.11
C PRO C 10 7.74 -42.83 -23.71
N ASN C 11 7.65 -43.97 -23.04
CA ASN C 11 8.31 -44.15 -21.76
C ASN C 11 9.85 -44.09 -21.89
N GLY C 12 10.52 -43.58 -20.87
CA GLY C 12 11.98 -43.51 -20.86
C GLY C 12 12.56 -42.24 -20.26
N ASN C 13 13.89 -42.12 -20.38
CA ASN C 13 14.66 -41.02 -19.80
C ASN C 13 14.67 -39.80 -20.71
N TYR C 14 14.54 -38.61 -20.10
CA TYR C 14 14.43 -37.34 -20.83
C TYR C 14 15.23 -36.23 -20.12
N ASN C 15 15.66 -35.24 -20.89
CA ASN C 15 16.08 -33.97 -20.34
C ASN C 15 14.86 -33.04 -20.44
N ILE C 16 14.73 -32.10 -19.52
CA ILE C 16 13.58 -31.18 -19.51
C ILE C 16 14.08 -29.75 -19.54
N LYS C 17 13.70 -29.04 -20.60
CA LYS C 17 14.10 -27.65 -20.84
C LYS C 17 12.90 -26.72 -20.92
N SER C 18 13.13 -25.46 -20.58
CA SER C 18 12.22 -24.37 -20.90
C SER C 18 12.49 -23.88 -22.31
N ILE C 19 11.44 -23.42 -23.00
CA ILE C 19 11.64 -22.85 -24.34
C ILE C 19 12.44 -21.52 -24.35
N PHE C 20 12.70 -20.97 -23.18
CA PHE C 20 13.57 -19.79 -23.07
C PHE C 20 15.07 -20.09 -23.29
N SER C 21 15.49 -21.36 -23.16
CA SER C 21 16.91 -21.73 -23.27
C SER C 21 17.16 -23.19 -23.70
N GLY C 22 17.93 -23.37 -24.77
CA GLY C 22 18.34 -24.68 -25.22
C GLY C 22 19.48 -25.26 -24.40
N SER C 23 20.09 -24.44 -23.55
CA SER C 23 21.25 -24.84 -22.76
C SER C 23 21.00 -24.89 -21.25
N LEU C 24 19.75 -24.83 -20.80
CA LEU C 24 19.45 -24.93 -19.35
C LEU C 24 18.54 -26.12 -19.07
N TYR C 25 18.87 -26.89 -18.04
CA TYR C 25 18.35 -28.24 -17.84
C TYR C 25 17.74 -28.40 -16.45
N LEU C 26 16.54 -28.99 -16.38
CA LEU C 26 15.85 -29.20 -15.10
C LEU C 26 16.63 -30.12 -14.17
N ASN C 27 16.85 -29.64 -12.95
CA ASN C 27 17.37 -30.47 -11.87
C ASN C 27 16.98 -29.90 -10.53
N PRO C 28 16.99 -30.74 -9.48
CA PRO C 28 16.77 -30.23 -8.13
C PRO C 28 18.00 -29.49 -7.61
N VAL C 29 17.75 -28.39 -6.91
CA VAL C 29 18.75 -27.66 -6.10
C VAL C 29 18.08 -27.45 -4.75
N SER C 30 18.62 -28.05 -3.70
CA SER C 30 17.93 -28.22 -2.41
C SER C 30 16.55 -28.86 -2.62
N LYS C 31 15.47 -28.26 -2.12
CA LYS C 31 14.14 -28.83 -2.31
C LYS C 31 13.37 -28.21 -3.50
N SER C 32 14.00 -27.27 -4.20
CA SER C 32 13.38 -26.65 -5.36
C SER C 32 13.85 -27.30 -6.67
N LEU C 33 13.18 -26.96 -7.76
CA LEU C 33 13.54 -27.39 -9.11
C LEU C 33 13.90 -26.16 -9.91
N THR C 34 14.94 -26.27 -10.71
CA THR C 34 15.44 -25.13 -11.44
C THR C 34 16.14 -25.64 -12.67
N PHE C 35 16.43 -24.73 -13.60
CA PHE C 35 17.12 -25.05 -14.85
C PHE C 35 18.55 -24.54 -14.80
N SER C 36 19.51 -25.45 -14.94
CA SER C 36 20.91 -25.16 -14.69
C SER C 36 21.78 -25.64 -15.84
N ASN C 37 23.03 -25.19 -15.88
CA ASN C 37 23.96 -25.55 -16.95
C ASN C 37 24.14 -27.06 -17.08
N GLU C 38 24.30 -27.52 -18.31
CA GLU C 38 24.47 -28.95 -18.60
C GLU C 38 25.49 -29.59 -17.64
N SER C 39 25.09 -30.66 -16.96
CA SER C 39 25.98 -31.39 -16.05
C SER C 39 26.39 -32.76 -16.57
N SER C 40 25.63 -33.29 -17.54
CA SER C 40 25.77 -34.68 -18.00
C SER C 40 25.69 -35.67 -16.82
N ALA C 41 24.95 -35.27 -15.79
CA ALA C 41 24.81 -36.05 -14.56
C ALA C 41 23.38 -36.56 -14.50
N ASN C 42 23.17 -37.59 -13.67
CA ASN C 42 21.87 -38.25 -13.55
C ASN C 42 20.75 -37.37 -12.97
N ASN C 43 21.10 -36.30 -12.27
CA ASN C 43 20.09 -35.45 -11.67
C ASN C 43 19.45 -34.50 -12.67
N GLN C 44 19.99 -34.46 -13.90
CA GLN C 44 19.30 -33.77 -15.01
C GLN C 44 18.56 -34.76 -15.94
N LYS C 45 18.47 -36.02 -15.53
CA LYS C 45 17.79 -37.05 -16.29
C LYS C 45 16.48 -37.43 -15.61
N TRP C 46 15.43 -37.55 -16.41
CA TRP C 46 14.09 -37.75 -15.88
C TRP C 46 13.41 -38.95 -16.54
N ASN C 47 13.01 -39.91 -15.71
CA ASN C 47 12.29 -41.07 -16.16
C ASN C 47 10.81 -40.72 -16.26
N VAL C 48 10.26 -40.88 -17.46
CA VAL C 48 8.87 -40.55 -17.72
C VAL C 48 8.09 -41.84 -17.96
N GLU C 49 7.09 -42.10 -17.11
CA GLU C 49 6.31 -43.35 -17.17
C GLU C 49 4.80 -43.09 -17.22
N TYR C 50 4.14 -43.67 -18.23
CA TYR C 50 2.70 -43.60 -18.40
C TYR C 50 2.00 -44.44 -17.36
N MET C 51 1.03 -43.86 -16.66
CA MET C 51 0.10 -44.64 -15.88
C MET C 51 -1.24 -44.78 -16.60
N ALA C 52 -1.53 -46.00 -17.07
CA ALA C 52 -2.68 -46.27 -17.93
C ALA C 52 -4.05 -46.10 -17.25
N GLU C 53 -4.18 -46.50 -15.98
CA GLU C 53 -5.47 -46.41 -15.29
C GLU C 53 -5.94 -44.96 -15.28
N ASN C 54 -4.99 -44.05 -15.17
CA ASN C 54 -5.20 -42.61 -15.00
C ASN C 54 -5.08 -41.80 -16.27
N ARG C 55 -4.40 -42.35 -17.26
CA ARG C 55 -3.97 -41.62 -18.46
C ARG C 55 -3.12 -40.39 -18.11
N CYS C 56 -2.09 -40.60 -17.30
CA CYS C 56 -1.24 -39.52 -16.83
C CYS C 56 0.19 -40.01 -16.78
N PHE C 57 1.10 -39.14 -16.41
CA PHE C 57 2.50 -39.52 -16.38
C PHE C 57 3.14 -39.29 -15.02
N LYS C 58 3.99 -40.23 -14.61
CA LYS C 58 4.87 -40.04 -13.47
C LYS C 58 6.27 -39.69 -13.97
N ILE C 59 6.93 -38.74 -13.32
CA ILE C 59 8.27 -38.31 -13.72
C ILE C 59 9.22 -38.30 -12.52
N SER C 60 10.17 -39.23 -12.54
CA SER C 60 11.14 -39.43 -11.47
C SER C 60 12.54 -39.07 -11.95
N ASN C 61 13.37 -38.65 -11.01
CA ASN C 61 14.74 -38.27 -11.29
C ASN C 61 15.61 -39.52 -11.30
N VAL C 62 16.50 -39.62 -12.27
CA VAL C 62 17.34 -40.81 -12.41
C VAL C 62 18.32 -41.02 -11.24
N ALA C 63 18.77 -39.93 -10.60
CA ALA C 63 19.73 -40.02 -9.49
C ALA C 63 19.03 -40.46 -8.21
N GLU C 64 17.78 -40.05 -8.06
CA GLU C 64 16.93 -40.45 -6.93
C GLU C 64 15.64 -41.07 -7.47
N PRO C 65 15.71 -42.32 -7.99
CA PRO C 65 14.61 -42.97 -8.74
C PRO C 65 13.27 -43.17 -8.00
N ASN C 66 13.25 -42.99 -6.68
CA ASN C 66 12.01 -43.09 -5.89
C ASN C 66 11.45 -41.72 -5.50
N LYS C 67 12.05 -40.64 -6.00
CA LYS C 67 11.49 -39.30 -5.87
C LYS C 67 10.80 -38.90 -7.18
N TYR C 68 9.67 -38.22 -7.07
CA TYR C 68 8.87 -37.80 -8.21
C TYR C 68 8.64 -36.30 -8.23
N LEU C 69 8.55 -35.74 -9.43
CA LEU C 69 8.08 -34.39 -9.57
C LEU C 69 6.64 -34.33 -9.02
N SER C 70 6.48 -33.51 -8.00
CA SER C 70 5.23 -33.34 -7.31
C SER C 70 5.05 -31.84 -7.06
N TYR C 71 4.17 -31.46 -6.14
CA TYR C 71 4.06 -30.06 -5.74
C TYR C 71 3.66 -29.94 -4.28
N ASP C 72 3.97 -28.78 -3.71
CA ASP C 72 3.83 -28.53 -2.29
C ASP C 72 2.71 -27.50 -2.10
N ASN C 73 2.45 -27.13 -0.84
CA ASN C 73 1.37 -26.21 -0.50
C ASN C 73 1.72 -24.73 -0.60
N PHE C 74 2.92 -24.43 -1.10
CA PHE C 74 3.39 -23.05 -1.23
C PHE C 74 3.57 -22.62 -2.69
N GLY C 75 3.07 -23.43 -3.62
CA GLY C 75 3.11 -23.12 -5.06
C GLY C 75 4.35 -23.60 -5.81
N PHE C 76 5.21 -24.38 -5.16
CA PHE C 76 6.45 -24.87 -5.82
C PHE C 76 6.23 -26.27 -6.32
N ILE C 77 6.89 -26.57 -7.44
CA ILE C 77 7.14 -27.93 -7.86
C ILE C 77 8.18 -28.53 -6.93
N SER C 78 8.08 -29.82 -6.71
CA SER C 78 8.93 -30.47 -5.72
C SER C 78 9.34 -31.86 -6.17
N LEU C 79 10.18 -32.48 -5.36
CA LEU C 79 10.62 -33.85 -5.54
C LEU C 79 10.24 -34.59 -4.28
N ASP C 80 9.40 -35.62 -4.40
CA ASP C 80 8.84 -36.25 -3.21
C ASP C 80 8.43 -37.68 -3.49
N SER C 81 8.08 -38.38 -2.43
CA SER C 81 7.48 -39.71 -2.56
C SER C 81 6.20 -39.74 -3.43
N LEU C 82 5.82 -40.94 -3.83
CA LEU C 82 4.62 -41.16 -4.63
C LEU C 82 3.33 -40.74 -3.92
N SER C 83 2.54 -39.96 -4.65
CA SER C 83 1.24 -39.44 -4.21
C SER C 83 0.50 -38.95 -5.47
N ASN C 84 -0.79 -38.66 -5.33
CA ASN C 84 -1.58 -38.20 -6.50
C ASN C 84 -1.17 -36.85 -7.03
N ARG C 85 -0.32 -36.16 -6.28
CA ARG C 85 0.31 -34.93 -6.74
C ARG C 85 1.45 -35.14 -7.75
N CYS C 86 1.85 -36.39 -7.97
CA CYS C 86 2.92 -36.72 -8.90
C CYS C 86 2.43 -37.06 -10.31
N TYR C 87 1.11 -37.00 -10.51
CA TYR C 87 0.49 -37.33 -11.80
C TYR C 87 0.42 -36.08 -12.69
N TRP C 88 0.82 -36.22 -13.93
CA TRP C 88 0.93 -35.05 -14.79
C TRP C 88 0.24 -35.34 -16.11
N PHE C 89 -0.52 -34.36 -16.58
CA PHE C 89 -1.28 -34.44 -17.82
C PHE C 89 -0.62 -33.53 -18.86
N PRO C 90 0.23 -34.09 -19.72
CA PRO C 90 0.83 -33.21 -20.71
C PRO C 90 -0.12 -32.85 -21.84
N ILE C 91 0.08 -31.67 -22.40
CA ILE C 91 -0.54 -31.29 -23.64
C ILE C 91 0.56 -30.97 -24.64
N LYS C 92 0.60 -31.72 -25.73
CA LYS C 92 1.63 -31.57 -26.75
C LYS C 92 1.27 -30.50 -27.77
N ILE C 93 2.06 -29.44 -27.80
CA ILE C 93 1.79 -28.27 -28.65
C ILE C 93 2.76 -28.11 -29.81
N ALA C 94 3.89 -28.82 -29.77
CA ALA C 94 4.82 -28.87 -30.92
C ALA C 94 5.72 -30.10 -30.82
N VAL C 95 6.63 -30.29 -31.77
CA VAL C 95 7.67 -31.32 -31.60
C VAL C 95 8.42 -31.05 -30.29
N ASN C 96 8.38 -32.05 -29.41
CA ASN C 96 9.09 -32.02 -28.15
C ASN C 96 8.56 -31.00 -27.16
N THR C 97 7.56 -30.18 -27.52
CA THR C 97 7.08 -29.07 -26.67
C THR C 97 5.73 -29.37 -25.97
N TYR C 98 5.71 -29.22 -24.65
CA TYR C 98 4.56 -29.61 -23.84
C TYR C 98 4.20 -28.56 -22.78
N ILE C 99 2.92 -28.55 -22.43
CA ILE C 99 2.42 -27.89 -21.24
C ILE C 99 2.10 -29.00 -20.26
N MET C 100 2.45 -28.81 -18.99
CA MET C 100 2.34 -29.90 -18.02
C MET C 100 1.34 -29.53 -16.96
N LEU C 101 0.19 -30.15 -17.00
CA LEU C 101 -0.86 -29.85 -16.07
C LEU C 101 -0.86 -30.86 -14.97
N SER C 102 -1.12 -30.42 -13.76
CA SER C 102 -1.46 -31.39 -12.72
C SER C 102 -2.71 -32.12 -13.16
N LEU C 103 -2.72 -33.44 -13.00
CA LEU C 103 -3.88 -34.26 -13.29
C LEU C 103 -5.13 -33.70 -12.63
N ASN C 104 -4.98 -33.36 -11.35
CA ASN C 104 -6.10 -32.89 -10.56
C ASN C 104 -6.30 -31.42 -10.75
N LYS C 105 -7.56 -31.01 -10.73
CA LYS C 105 -7.88 -29.59 -10.65
C LYS C 105 -7.36 -29.07 -9.32
N VAL C 106 -6.73 -27.91 -9.35
CA VAL C 106 -6.24 -27.26 -8.14
C VAL C 106 -6.95 -25.93 -8.02
N ASN C 107 -7.59 -25.71 -6.86
CA ASN C 107 -8.40 -24.53 -6.64
C ASN C 107 -9.47 -24.45 -7.73
N GLU C 108 -10.04 -25.60 -8.08
CA GLU C 108 -10.96 -25.77 -9.23
C GLU C 108 -10.52 -25.14 -10.57
N LEU C 109 -9.22 -25.08 -10.83
CA LEU C 109 -8.65 -24.71 -12.14
C LEU C 109 -7.59 -25.70 -12.58
N ASP C 110 -7.23 -25.62 -13.84
CA ASP C 110 -6.09 -26.29 -14.36
C ASP C 110 -4.88 -25.52 -13.84
N TYR C 111 -3.91 -26.24 -13.27
CA TYR C 111 -2.63 -25.66 -12.88
C TYR C 111 -1.52 -26.36 -13.66
N ALA C 112 -0.47 -25.62 -13.99
CA ALA C 112 0.64 -26.13 -14.79
C ALA C 112 2.01 -25.69 -14.29
N TRP C 113 3.03 -26.41 -14.74
CA TRP C 113 4.40 -25.96 -14.50
C TRP C 113 4.52 -24.59 -15.10
N ASP C 114 5.17 -23.70 -14.36
CA ASP C 114 5.37 -22.32 -14.77
C ASP C 114 6.76 -21.87 -14.32
N ILE C 115 7.54 -21.38 -15.26
CA ILE C 115 8.86 -20.82 -14.95
C ILE C 115 8.84 -19.33 -15.27
N TYR C 116 9.13 -18.51 -14.26
CA TYR C 116 9.09 -17.06 -14.46
C TYR C 116 10.35 -16.62 -15.19
N ASP C 117 10.18 -15.63 -16.07
CA ASP C 117 11.27 -15.09 -16.88
C ASP C 117 11.43 -13.56 -16.76
N THR C 118 12.64 -13.09 -17.09
CA THR C 118 12.98 -11.67 -17.10
C THR C 118 13.69 -11.39 -18.41
N ASN C 119 12.93 -10.85 -19.36
CA ASN C 119 13.40 -10.69 -20.72
C ASN C 119 14.03 -11.99 -21.22
N GLU C 120 13.32 -13.09 -20.97
CA GLU C 120 13.68 -14.45 -21.38
C GLU C 120 14.79 -15.11 -20.56
N ASN C 121 15.20 -14.48 -19.47
CA ASN C 121 16.17 -15.05 -18.58
C ASN C 121 15.47 -15.76 -17.43
N ILE C 122 15.80 -17.05 -17.24
CA ILE C 122 15.24 -17.88 -16.16
C ILE C 122 16.26 -18.38 -15.12
N LEU C 123 17.49 -17.89 -15.17
CA LEU C 123 18.53 -18.35 -14.24
C LEU C 123 18.06 -18.15 -12.79
N SER C 124 18.21 -19.21 -11.98
CA SER C 124 17.90 -19.21 -10.55
C SER C 124 16.40 -19.19 -10.20
N GLN C 125 15.51 -19.34 -11.19
CA GLN C 125 14.09 -19.33 -10.87
C GLN C 125 13.67 -20.72 -10.47
N PRO C 126 12.79 -20.85 -9.47
CA PRO C 126 12.20 -22.14 -9.18
C PRO C 126 11.02 -22.39 -10.10
N LEU C 127 10.84 -23.65 -10.46
CA LEU C 127 9.65 -24.06 -11.17
C LEU C 127 8.46 -24.08 -10.22
N LEU C 128 7.42 -23.32 -10.59
CA LEU C 128 6.21 -23.21 -9.79
C LEU C 128 4.99 -23.92 -10.41
N LEU C 129 3.91 -24.04 -9.63
CA LEU C 129 2.64 -24.57 -10.13
C LEU C 129 1.63 -23.44 -10.13
N LEU C 130 1.24 -23.00 -11.33
CA LEU C 130 0.42 -21.82 -11.45
C LEU C 130 -0.76 -22.09 -12.38
N PRO C 131 -1.76 -21.19 -12.38
CA PRO C 131 -2.93 -21.47 -13.19
C PRO C 131 -2.65 -21.47 -14.67
N ASN C 132 -3.34 -22.38 -15.36
CA ASN C 132 -3.33 -22.48 -16.80
C ASN C 132 -4.68 -22.12 -17.38
N PHE C 133 -4.66 -21.37 -18.49
CA PHE C 133 -5.88 -20.99 -19.22
C PHE C 133 -5.90 -21.36 -20.68
N ASP C 134 -4.74 -21.44 -21.29
CA ASP C 134 -4.62 -21.70 -22.72
C ASP C 134 -3.24 -22.25 -23.06
N ILE C 135 -3.00 -22.51 -24.34
CA ILE C 135 -1.73 -23.11 -24.78
C ILE C 135 -0.73 -22.09 -25.29
N TYR C 136 -0.85 -20.83 -24.89
CA TYR C 136 -0.01 -19.77 -25.44
C TYR C 136 0.90 -19.09 -24.43
N ASN C 137 0.92 -19.56 -23.19
CA ASN C 137 1.75 -19.00 -22.14
C ASN C 137 3.19 -19.54 -22.27
N SER C 138 4.09 -18.72 -22.80
CA SER C 138 5.50 -19.06 -23.00
C SER C 138 6.13 -19.59 -21.71
N ASN C 139 5.69 -19.06 -20.59
CA ASN C 139 6.20 -19.49 -19.27
C ASN C 139 5.78 -20.88 -18.80
N GLN C 140 4.88 -21.52 -19.55
CA GLN C 140 4.37 -22.83 -19.24
C GLN C 140 4.70 -23.90 -20.30
N MET C 141 5.66 -23.59 -21.18
CA MET C 141 6.03 -24.47 -22.28
C MET C 141 7.41 -25.09 -22.00
N PHE C 142 7.50 -26.41 -22.11
CA PHE C 142 8.73 -27.11 -21.77
C PHE C 142 9.03 -28.18 -22.78
N LYS C 143 10.33 -28.41 -22.99
CA LYS C 143 10.76 -29.39 -23.96
C LYS C 143 11.13 -30.66 -23.22
N LEU C 144 10.68 -31.78 -23.76
CA LEU C 144 11.12 -33.10 -23.32
C LEU C 144 11.96 -33.68 -24.43
N GLU C 145 13.24 -33.84 -24.17
CA GLU C 145 14.17 -34.38 -25.15
C GLU C 145 14.61 -35.76 -24.71
N LYS C 146 14.47 -36.73 -25.60
CA LYS C 146 14.86 -38.11 -25.30
C LYS C 146 16.37 -38.26 -25.31
N ILE C 147 16.90 -38.90 -24.26
CA ILE C 147 18.33 -39.11 -24.14
C ILE C 147 18.70 -39.55 -22.73
#